data_7D5R
#
_entry.id   7D5R
#
_cell.length_a   114.536
_cell.length_b   114.536
_cell.length_c   326.766
_cell.angle_alpha   90.000
_cell.angle_beta   90.000
_cell.angle_gamma   120.000
#
_symmetry.space_group_name_H-M   'H 3'
#
loop_
_entity.id
_entity.type
_entity.pdbx_description
1 polymer 'Protein-arginine deiminase type-3'
2 non-polymer 'CALCIUM ION'
3 non-polymer GLYCEROL
4 non-polymer 'CHLORIDE ION'
#
_entity_poly.entity_id   1
_entity_poly.type   'polypeptide(L)'
_entity_poly.pdbx_seq_one_letter_code
;MSLQRIVRVSLEHPTSAVCVAGVETLVDIYGSVPEGTEMFEVYGTPGVDIYISPNMERGRERADTRRWRFDATLEIIVVM
NSPSNDLNDSHVQISYHSSHEPLPLAYAVLYLTCVDISLDCDLNCEGRQDRNFVDKRQWVWGPSGYGGILLVNCDRDDPS
CDVQDNCDQHVHCLQDLEDMSVMVLRTQGPAALFDDHKLVLHTSSYDAKRAQVFHICGPEDVCEAYRHVLGQDKVSYEVP
RLHGDEERFFVEGLSFPDAGFTGLISFHVTLLDDSNEDFSASPIFTDTVVFRVAPWIMTPSTLPPLEVYVCRVRNNTCFV
DAVAELARKAGCKLTICPQAENRNDRWIQDEMELGYVQAPHKTLPVVFDSPRNGELQDFPYKRILGPDFGYVTREPRDRS
VSGLDSFGNLEVSPPVVANGKEYPLGRILIGGNLPGSSGRRVTQVVRDFLHAQKVQPPVELFVDWLAVGHVDEFLSFVPA
PDGKGFRMLLASPGACFKLFQEKQKCGHGRALLFQGVVDDEQVKTISINQVLSNKDLINYNKFVQSCIDWNREVLKRELG
LAECDIIDIPQLFKTERKKATAFFPDLVNMLVLGKHLGIPKPFGPIINGCCCLEEKVRSLLEPLGLHCTFIDDFTPYHML
HGEVHAGTNVCRKPFSFKWWNMVP
;
_entity_poly.pdbx_strand_id   A,B
#
loop_
_chem_comp.id
_chem_comp.type
_chem_comp.name
_chem_comp.formula
CA non-polymer 'CALCIUM ION' 'Ca 2'
CL non-polymer 'CHLORIDE ION' 'Cl -1'
GOL non-polymer GLYCEROL 'C3 H8 O3'
#
# COMPACT_ATOMS: atom_id res chain seq x y z
N LEU A 3 -21.43 7.10 14.02
CA LEU A 3 -21.63 6.48 15.33
C LEU A 3 -23.06 6.67 15.80
N GLN A 4 -23.95 5.74 15.42
CA GLN A 4 -25.35 5.80 15.77
C GLN A 4 -25.82 4.44 16.27
N ARG A 5 -26.59 4.46 17.36
CA ARG A 5 -27.11 3.25 17.98
C ARG A 5 -28.62 3.39 18.12
N ILE A 6 -29.36 2.45 17.54
CA ILE A 6 -30.81 2.45 17.61
C ILE A 6 -31.25 1.71 18.86
N VAL A 7 -32.08 2.36 19.68
CA VAL A 7 -32.66 1.76 20.87
C VAL A 7 -34.17 1.88 20.75
N ARG A 8 -34.86 0.74 20.71
CA ARG A 8 -36.31 0.72 20.59
C ARG A 8 -36.94 0.57 21.97
N VAL A 9 -38.10 1.19 22.12
CA VAL A 9 -38.84 1.18 23.38
C VAL A 9 -40.18 0.47 23.16
N SER A 10 -40.84 0.15 24.26
CA SER A 10 -42.08 -0.61 24.25
C SER A 10 -43.20 0.19 24.91
N LEU A 11 -44.41 0.06 24.37
CA LEU A 11 -45.57 0.72 24.97
C LEU A 11 -46.10 -0.03 26.18
N GLU A 12 -45.71 -1.28 26.38
CA GLU A 12 -46.22 -2.09 27.47
C GLU A 12 -45.30 -2.12 28.69
N HIS A 13 -44.03 -1.75 28.54
CA HIS A 13 -43.10 -1.75 29.65
C HIS A 13 -41.97 -0.79 29.34
N PRO A 14 -41.34 -0.18 30.35
CA PRO A 14 -40.21 0.71 30.08
C PRO A 14 -38.98 -0.08 29.70
N THR A 15 -38.14 0.54 28.87
CA THR A 15 -36.90 -0.07 28.39
C THR A 15 -35.71 0.60 29.07
N SER A 16 -34.74 -0.19 29.50
CA SER A 16 -33.53 0.32 30.13
C SER A 16 -32.34 0.19 29.19
N ALA A 17 -31.53 1.24 29.11
CA ALA A 17 -30.41 1.25 28.19
C ALA A 17 -29.24 2.02 28.77
N VAL A 18 -28.04 1.53 28.48
CA VAL A 18 -26.79 2.20 28.83
C VAL A 18 -26.22 2.83 27.57
N CYS A 19 -25.94 4.13 27.62
CA CYS A 19 -25.45 4.88 26.47
C CYS A 19 -24.11 5.53 26.81
N VAL A 20 -23.29 5.70 25.78
CA VAL A 20 -21.99 6.35 25.92
C VAL A 20 -22.17 7.83 25.66
N ALA A 21 -21.43 8.66 26.40
CA ALA A 21 -21.55 10.10 26.29
C ALA A 21 -21.17 10.57 24.89
N GLY A 22 -21.98 11.48 24.34
CA GLY A 22 -21.77 12.02 23.02
C GLY A 22 -22.39 11.21 21.89
N VAL A 23 -22.58 9.91 22.10
CA VAL A 23 -23.14 9.05 21.06
C VAL A 23 -24.63 9.34 20.90
N GLU A 24 -25.05 9.56 19.66
CA GLU A 24 -26.47 9.76 19.37
C GLU A 24 -27.21 8.44 19.39
N THR A 25 -28.43 8.46 19.93
CA THR A 25 -29.28 7.27 19.97
C THR A 25 -30.60 7.58 19.29
N LEU A 26 -30.92 6.84 18.23
CA LEU A 26 -32.21 6.99 17.58
C LEU A 26 -33.25 6.18 18.34
N VAL A 27 -34.40 6.79 18.61
CA VAL A 27 -35.44 6.18 19.44
C VAL A 27 -36.63 5.85 18.56
N ASP A 28 -37.08 4.59 18.62
CA ASP A 28 -38.28 4.13 17.94
C ASP A 28 -38.96 3.10 18.82
N ILE A 29 -40.01 2.48 18.31
CA ILE A 29 -40.81 1.54 19.09
C ILE A 29 -40.90 0.19 18.36
N TYR A 30 -41.25 -0.83 19.13
CA TYR A 30 -41.59 -2.14 18.59
C TYR A 30 -43.08 -2.13 18.25
N GLY A 31 -43.39 -2.05 16.95
CA GLY A 31 -44.75 -2.20 16.48
C GLY A 31 -45.57 -0.94 16.64
N SER A 32 -46.79 -1.00 16.10
CA SER A 32 -47.56 0.18 15.76
C SER A 32 -47.85 1.05 16.99
N VAL A 33 -48.16 2.32 16.71
CA VAL A 33 -48.52 3.32 17.71
C VAL A 33 -49.98 3.10 18.12
N PRO A 34 -50.44 3.65 19.24
CA PRO A 34 -51.85 3.51 19.61
C PRO A 34 -52.78 3.88 18.46
N GLU A 35 -53.99 3.32 18.49
CA GLU A 35 -54.86 3.31 17.32
C GLU A 35 -55.05 4.71 16.73
N GLY A 36 -55.60 5.63 17.51
CA GLY A 36 -55.91 6.95 16.99
C GLY A 36 -54.83 7.98 17.24
N THR A 37 -53.57 7.58 17.16
CA THR A 37 -52.47 8.50 17.42
C THR A 37 -52.35 9.53 16.31
N GLU A 38 -52.52 10.81 16.68
CA GLU A 38 -52.34 11.91 15.74
C GLU A 38 -51.19 12.83 16.10
N MET A 39 -50.78 12.89 17.37
CA MET A 39 -49.70 13.77 17.79
C MET A 39 -48.83 13.02 18.80
N PHE A 40 -47.72 13.64 19.16
CA PHE A 40 -46.84 13.06 20.17
C PHE A 40 -46.02 14.16 20.82
N GLU A 41 -45.68 13.93 22.09
CA GLU A 41 -44.76 14.79 22.83
C GLU A 41 -43.62 13.93 23.35
N VAL A 42 -42.46 14.57 23.54
CA VAL A 42 -41.29 13.87 24.07
C VAL A 42 -40.61 14.78 25.09
N TYR A 43 -40.25 14.21 26.22
CA TYR A 43 -39.65 14.93 27.34
C TYR A 43 -38.44 14.16 27.84
N GLY A 44 -37.47 14.88 28.39
CA GLY A 44 -36.25 14.26 28.85
C GLY A 44 -35.80 14.81 30.19
N THR A 45 -35.17 13.94 30.97
CA THR A 45 -34.51 14.34 32.21
C THR A 45 -33.48 15.42 31.91
N PRO A 46 -33.28 16.38 32.83
CA PRO A 46 -32.22 17.37 32.65
C PRO A 46 -30.89 16.71 32.33
N GLY A 47 -30.17 17.29 31.37
CA GLY A 47 -28.97 16.69 30.84
C GLY A 47 -29.19 15.72 29.69
N VAL A 48 -30.43 15.51 29.28
CA VAL A 48 -30.77 14.64 28.16
C VAL A 48 -31.29 15.52 27.03
N ASP A 49 -30.59 15.49 25.90
CA ASP A 49 -30.92 16.30 24.74
C ASP A 49 -31.73 15.46 23.76
N ILE A 50 -32.89 15.98 23.37
CA ILE A 50 -33.81 15.29 22.45
C ILE A 50 -34.04 16.19 21.25
N TYR A 51 -33.81 15.63 20.06
CA TYR A 51 -33.93 16.36 18.81
C TYR A 51 -34.91 15.65 17.89
N ILE A 52 -35.67 16.43 17.12
CA ILE A 52 -36.53 15.91 16.07
C ILE A 52 -35.84 16.17 14.74
N SER A 53 -35.89 15.18 13.84
CA SER A 53 -35.25 15.37 12.55
C SER A 53 -35.92 14.52 11.49
N PRO A 54 -36.15 15.07 10.29
CA PRO A 54 -36.56 14.21 9.18
C PRO A 54 -35.46 13.24 8.83
N ASN A 55 -35.85 12.00 8.51
CA ASN A 55 -34.87 10.95 8.24
C ASN A 55 -34.08 11.18 6.96
N MET A 56 -34.37 12.27 6.25
CA MET A 56 -33.68 12.67 5.04
C MET A 56 -32.89 13.96 5.21
N GLU A 57 -33.10 14.68 6.30
CA GLU A 57 -32.50 15.99 6.53
C GLU A 57 -31.29 15.89 7.44
N ARG A 58 -30.27 16.69 7.12
CA ARG A 58 -29.02 16.75 7.87
C ARG A 58 -29.18 17.51 9.18
N GLY A 59 -30.23 18.32 9.33
CA GLY A 59 -30.37 19.19 10.48
C GLY A 59 -31.16 18.56 11.62
N ARG A 60 -30.97 19.15 12.81
CA ARG A 60 -31.63 18.72 14.03
C ARG A 60 -32.44 19.88 14.58
N GLU A 61 -33.33 19.56 15.53
CA GLU A 61 -34.22 20.56 16.11
C GLU A 61 -34.72 20.07 17.45
N ARG A 62 -34.68 20.93 18.46
CA ARG A 62 -35.12 20.56 19.81
C ARG A 62 -36.56 20.08 19.78
N ALA A 63 -36.82 18.97 20.49
CA ALA A 63 -38.10 18.27 20.38
C ALA A 63 -38.95 18.35 21.64
N ASP A 64 -38.41 18.83 22.76
CA ASP A 64 -39.14 18.85 24.03
C ASP A 64 -39.76 20.21 24.32
N THR A 65 -40.20 20.92 23.29
CA THR A 65 -40.86 22.22 23.46
C THR A 65 -42.19 22.33 22.73
N ARG A 66 -42.63 21.29 22.02
CA ARG A 66 -43.81 21.39 21.19
C ARG A 66 -44.55 20.05 21.18
N ARG A 67 -45.76 20.08 20.62
CA ARG A 67 -46.54 18.88 20.33
C ARG A 67 -46.51 18.68 18.83
N TRP A 68 -45.83 17.62 18.38
CA TRP A 68 -45.63 17.38 16.96
C TRP A 68 -46.72 16.47 16.42
N ARG A 69 -47.22 16.81 15.24
CA ARG A 69 -48.07 15.89 14.50
C ARG A 69 -47.30 14.60 14.20
N PHE A 70 -47.98 13.47 14.37
CA PHE A 70 -47.31 12.19 14.17
C PHE A 70 -46.86 12.03 12.73
N ASP A 71 -45.68 11.43 12.56
CA ASP A 71 -45.12 11.20 11.23
C ASP A 71 -44.09 10.08 11.36
N ALA A 72 -44.33 8.97 10.67
CA ALA A 72 -43.40 7.85 10.73
C ALA A 72 -42.07 8.15 10.04
N THR A 73 -42.00 9.21 9.25
CA THR A 73 -40.77 9.61 8.59
C THR A 73 -39.90 10.52 9.43
N LEU A 74 -40.33 10.87 10.64
CA LEU A 74 -39.50 11.62 11.56
C LEU A 74 -38.72 10.67 12.46
N GLU A 75 -37.65 11.18 13.06
CA GLU A 75 -36.85 10.42 14.00
C GLU A 75 -36.44 11.30 15.16
N ILE A 76 -36.42 10.71 16.35
CA ILE A 76 -36.00 11.39 17.58
C ILE A 76 -34.61 10.89 17.96
N ILE A 77 -33.72 11.83 18.23
CA ILE A 77 -32.34 11.55 18.61
C ILE A 77 -32.14 11.97 20.06
N VAL A 78 -31.49 11.12 20.83
CA VAL A 78 -31.21 11.38 22.24
C VAL A 78 -29.70 11.36 22.44
N VAL A 79 -29.18 12.41 23.07
CA VAL A 79 -27.76 12.56 23.34
C VAL A 79 -27.56 12.99 24.78
N MET A 80 -26.58 12.40 25.45
CA MET A 80 -26.21 12.77 26.81
C MET A 80 -24.71 13.03 26.85
N ASN A 81 -24.32 14.30 26.96
CA ASN A 81 -22.91 14.66 26.95
C ASN A 81 -22.21 14.42 28.28
N SER A 82 -22.95 14.19 29.36
CA SER A 82 -22.37 14.02 30.68
C SER A 82 -22.73 12.65 31.25
N PRO A 83 -21.83 12.04 32.02
CA PRO A 83 -22.10 10.71 32.56
C PRO A 83 -23.08 10.74 33.72
N SER A 84 -23.72 9.60 33.94
CA SER A 84 -24.68 9.45 35.01
C SER A 84 -23.97 9.24 36.35
N ASN A 85 -24.69 9.53 37.43
CA ASN A 85 -24.20 9.29 38.78
C ASN A 85 -24.74 8.02 39.41
N ASP A 86 -25.95 7.61 39.07
CA ASP A 86 -26.52 6.36 39.56
C ASP A 86 -27.21 5.62 38.42
N LEU A 87 -27.46 4.34 38.64
CA LEU A 87 -28.10 3.51 37.62
C LEU A 87 -29.48 4.05 37.31
N ASN A 88 -29.77 4.22 36.02
CA ASN A 88 -31.03 4.79 35.54
C ASN A 88 -31.20 6.23 36.01
N ASP A 89 -30.11 7.01 35.95
CA ASP A 89 -30.19 8.44 36.27
C ASP A 89 -31.29 9.14 35.47
N SER A 90 -31.34 8.87 34.16
CA SER A 90 -32.16 9.69 33.29
C SER A 90 -33.28 8.86 32.68
N HIS A 91 -34.27 9.55 32.10
CA HIS A 91 -35.34 8.86 31.41
C HIS A 91 -35.94 9.79 30.36
N VAL A 92 -36.33 9.19 29.24
CA VAL A 92 -37.00 9.88 28.15
C VAL A 92 -38.42 9.33 28.06
N GLN A 93 -39.39 10.23 27.96
CA GLN A 93 -40.81 9.89 27.99
C GLN A 93 -41.47 10.37 26.71
N ILE A 94 -42.11 9.46 25.99
CA ILE A 94 -42.79 9.77 24.73
C ILE A 94 -44.27 9.48 24.93
N SER A 95 -45.09 10.52 24.89
CA SER A 95 -46.53 10.37 25.05
C SER A 95 -47.22 10.52 23.70
N TYR A 96 -48.16 9.62 23.42
CA TYR A 96 -48.90 9.63 22.16
C TYR A 96 -50.28 10.22 22.40
N HIS A 97 -50.62 11.26 21.63
CA HIS A 97 -51.81 12.07 21.86
C HIS A 97 -52.74 11.99 20.67
N SER A 98 -54.02 12.27 20.91
CA SER A 98 -55.04 12.32 19.87
C SER A 98 -55.93 13.53 20.11
N SER A 99 -56.62 13.94 19.06
CA SER A 99 -57.60 15.02 19.14
C SER A 99 -58.98 14.53 19.55
N HIS A 100 -59.13 13.24 19.83
CA HIS A 100 -60.41 12.67 20.23
C HIS A 100 -60.57 12.68 21.75
N GLU A 101 -59.58 12.14 22.48
CA GLU A 101 -59.61 12.15 23.94
C GLU A 101 -58.48 13.04 24.48
N PRO A 102 -58.72 13.76 25.58
CA PRO A 102 -57.70 14.70 26.07
C PRO A 102 -56.54 14.05 26.80
N LEU A 103 -56.60 12.75 27.05
CA LEU A 103 -55.50 12.13 27.78
C LEU A 103 -54.58 11.38 26.83
N PRO A 104 -53.30 11.26 27.19
CA PRO A 104 -52.36 10.52 26.33
C PRO A 104 -52.82 9.10 26.09
N LEU A 105 -52.74 8.67 24.83
CA LEU A 105 -53.15 7.31 24.48
C LEU A 105 -52.23 6.29 25.11
N ALA A 106 -50.93 6.58 25.18
CA ALA A 106 -49.96 5.68 25.76
C ALA A 106 -48.66 6.44 26.02
N TYR A 107 -47.82 5.84 26.86
CA TYR A 107 -46.50 6.35 27.17
C TYR A 107 -45.44 5.31 26.80
N ALA A 108 -44.27 5.80 26.41
CA ALA A 108 -43.10 4.98 26.15
C ALA A 108 -41.95 5.56 26.96
N VAL A 109 -41.42 4.78 27.90
CA VAL A 109 -40.40 5.24 28.83
C VAL A 109 -39.09 4.52 28.54
N LEU A 110 -38.01 5.29 28.46
CA LEU A 110 -36.67 4.75 28.25
C LEU A 110 -35.77 5.29 29.35
N TYR A 111 -35.36 4.42 30.26
CA TYR A 111 -34.40 4.76 31.29
C TYR A 111 -33.00 4.68 30.73
N LEU A 112 -32.18 5.67 31.04
CA LEU A 112 -30.85 5.81 30.46
C LEU A 112 -29.81 5.95 31.55
N THR A 113 -28.73 5.19 31.40
CA THR A 113 -27.53 5.31 32.22
C THR A 113 -26.38 5.71 31.30
N CYS A 114 -25.84 6.91 31.47
CA CYS A 114 -24.79 7.43 30.59
C CYS A 114 -23.43 7.16 31.22
N VAL A 115 -22.56 6.49 30.48
CA VAL A 115 -21.19 6.23 30.89
C VAL A 115 -20.26 6.92 29.91
N ASP A 116 -19.16 7.47 30.43
CA ASP A 116 -18.17 8.19 29.62
C ASP A 116 -16.92 7.33 29.50
N ILE A 117 -16.79 6.64 28.38
CA ILE A 117 -15.68 5.73 28.11
C ILE A 117 -15.00 6.16 26.82
N SER A 118 -13.73 6.55 26.92
CA SER A 118 -12.99 6.97 25.74
C SER A 118 -11.50 6.70 25.92
N LEU A 119 -10.89 6.06 24.92
CA LEU A 119 -9.46 5.83 24.89
C LEU A 119 -8.80 6.86 23.97
N ASP A 120 -7.82 7.58 24.50
CA ASP A 120 -7.21 8.69 23.79
C ASP A 120 -5.70 8.68 23.97
N CYS A 121 -5.01 9.39 23.08
CA CYS A 121 -3.58 9.62 23.19
C CYS A 121 -3.30 11.02 22.64
N ASP A 122 -2.01 11.33 22.46
CA ASP A 122 -1.61 12.60 21.86
C ASP A 122 -1.72 12.48 20.34
N LEU A 123 -2.75 13.08 19.77
CA LEU A 123 -2.97 13.05 18.32
C LEU A 123 -2.20 14.21 17.70
N ASN A 124 -0.96 13.94 17.31
CA ASN A 124 -0.10 14.95 16.71
C ASN A 124 0.62 14.41 15.48
N LYS A 136 -9.60 9.10 15.41
CA LYS A 136 -9.47 8.00 16.37
C LYS A 136 -9.14 6.69 15.68
N ARG A 137 -9.42 6.60 14.38
CA ARG A 137 -9.29 5.36 13.63
C ARG A 137 -8.33 5.43 12.46
N GLN A 138 -7.71 6.58 12.19
CA GLN A 138 -6.85 6.72 11.03
C GLN A 138 -5.63 7.56 11.38
N TRP A 139 -4.54 7.30 10.66
CA TRP A 139 -3.31 8.07 10.74
C TRP A 139 -3.04 8.66 9.36
N VAL A 140 -2.93 9.99 9.28
CA VAL A 140 -2.83 10.70 8.01
C VAL A 140 -1.51 11.46 7.96
N TRP A 141 -0.90 11.49 6.78
CA TRP A 141 0.32 12.24 6.55
C TRP A 141 -0.03 13.67 6.09
N GLY A 142 0.96 14.55 6.17
CA GLY A 142 0.82 15.88 5.63
C GLY A 142 0.78 16.97 6.68
N PRO A 143 0.74 18.23 6.22
CA PRO A 143 0.64 19.35 7.17
C PRO A 143 -0.65 19.35 7.96
N SER A 144 -1.68 18.65 7.50
CA SER A 144 -2.93 18.49 8.23
C SER A 144 -3.02 17.11 8.87
N GLY A 145 -1.88 16.59 9.34
CA GLY A 145 -1.84 15.25 9.88
C GLY A 145 -2.09 15.20 11.38
N TYR A 146 -2.37 13.99 11.85
CA TYR A 146 -2.64 13.75 13.26
C TYR A 146 -2.46 12.26 13.54
N GLY A 147 -2.20 11.95 14.79
CA GLY A 147 -2.05 10.57 15.23
C GLY A 147 -0.90 10.42 16.21
N GLY A 148 -0.94 9.33 16.98
CA GLY A 148 0.10 9.06 17.95
C GLY A 148 1.33 8.43 17.29
N ILE A 149 2.50 8.87 17.75
CA ILE A 149 3.78 8.39 17.26
C ILE A 149 4.43 7.60 18.38
N LEU A 150 4.85 6.37 18.07
CA LEU A 150 5.38 5.45 19.06
C LEU A 150 6.84 5.15 18.75
N LEU A 151 7.71 5.34 19.75
CA LEU A 151 9.12 5.02 19.61
C LEU A 151 9.35 3.52 19.82
N VAL A 152 10.58 3.10 19.54
CA VAL A 152 10.95 1.70 19.66
C VAL A 152 11.72 1.41 20.95
N ASN A 153 12.36 2.41 21.54
CA ASN A 153 13.01 2.30 22.85
C ASN A 153 14.06 1.19 22.86
N CYS A 154 15.01 1.31 21.93
CA CYS A 154 16.08 0.32 21.77
C CYS A 154 17.38 0.78 22.40
N ASP A 155 17.32 1.48 23.53
CA ASP A 155 18.50 2.00 24.20
C ASP A 155 18.63 1.37 25.58
N ARG A 156 19.59 1.86 26.36
CA ARG A 156 19.82 1.40 27.74
C ARG A 156 19.88 2.60 28.67
N ASP A 157 18.75 2.92 29.30
CA ASP A 157 18.73 4.04 30.25
C ASP A 157 19.24 3.62 31.62
N ASP A 158 18.93 2.41 32.05
CA ASP A 158 19.33 1.94 33.38
C ASP A 158 20.84 1.67 33.43
N ASP A 165 16.66 -2.05 26.88
CA ASP A 165 15.40 -1.71 27.55
C ASP A 165 14.20 -2.31 26.84
N ASN A 166 14.34 -2.53 25.53
CA ASN A 166 13.26 -3.07 24.72
C ASN A 166 13.04 -4.56 24.93
N CYS A 167 13.80 -5.20 25.82
CA CYS A 167 13.70 -6.63 26.05
C CYS A 167 13.00 -7.02 27.34
N ASP A 168 13.05 -6.18 28.37
CA ASP A 168 12.45 -6.53 29.64
C ASP A 168 10.92 -6.48 29.55
N GLN A 169 10.28 -7.21 30.46
CA GLN A 169 8.84 -7.15 30.64
C GLN A 169 8.44 -6.19 31.74
N HIS A 170 9.41 -5.61 32.46
CA HIS A 170 9.17 -4.61 33.48
C HIS A 170 9.65 -3.24 33.00
N VAL A 171 9.49 -2.25 33.87
CA VAL A 171 9.88 -0.87 33.62
C VAL A 171 10.87 -0.44 34.70
N HIS A 172 11.81 -1.31 35.02
CA HIS A 172 12.73 -1.08 36.12
C HIS A 172 13.77 -0.01 35.79
N CYS A 173 13.30 1.22 35.59
CA CYS A 173 14.16 2.37 35.31
C CYS A 173 13.37 3.63 35.64
N LEU A 174 14.11 4.72 35.87
CA LEU A 174 13.48 5.98 36.27
C LEU A 174 13.12 6.87 35.09
N GLN A 175 13.90 6.86 34.01
CA GLN A 175 13.66 7.71 32.86
C GLN A 175 13.27 6.91 31.62
N ASP A 176 13.06 5.59 31.75
CA ASP A 176 12.63 4.79 30.62
C ASP A 176 11.26 5.26 30.10
N LEU A 177 10.36 5.63 31.01
CA LEU A 177 9.03 6.08 30.62
C LEU A 177 9.08 7.30 29.71
N GLU A 178 10.17 8.06 29.73
CA GLU A 178 10.29 9.22 28.85
C GLU A 178 10.36 8.83 27.38
N ASP A 179 10.73 7.58 27.08
CA ASP A 179 10.76 7.10 25.71
C ASP A 179 9.42 6.53 25.25
N MET A 180 8.50 6.27 26.16
CA MET A 180 7.23 5.63 25.84
C MET A 180 6.15 6.68 25.55
N SER A 181 5.03 6.20 25.03
CA SER A 181 3.90 7.06 24.71
C SER A 181 2.78 6.85 25.73
N VAL A 182 2.05 7.93 26.01
CA VAL A 182 1.01 7.91 27.03
C VAL A 182 -0.34 7.63 26.39
N MET A 183 -1.17 6.86 27.08
CA MET A 183 -2.52 6.52 26.63
C MET A 183 -3.46 6.65 27.82
N VAL A 184 -4.54 7.41 27.65
CA VAL A 184 -5.46 7.72 28.74
C VAL A 184 -6.82 7.11 28.41
N LEU A 185 -7.34 6.32 29.34
CA LEU A 185 -8.65 5.69 29.21
C LEU A 185 -9.58 6.36 30.23
N ARG A 186 -10.43 7.26 29.76
CA ARG A 186 -11.39 7.91 30.65
C ARG A 186 -12.62 7.02 30.80
N THR A 187 -12.95 6.72 32.06
CA THR A 187 -13.93 5.74 32.50
C THR A 187 -14.83 6.34 33.57
N GLN A 188 -15.43 7.49 33.26
CA GLN A 188 -16.39 8.11 34.16
C GLN A 188 -17.72 7.38 34.13
N GLY A 189 -18.38 7.33 35.29
CA GLY A 189 -19.68 6.72 35.39
C GLY A 189 -20.01 6.18 36.77
N PRO A 190 -21.22 5.65 36.93
CA PRO A 190 -21.59 5.07 38.22
C PRO A 190 -20.84 3.77 38.49
N ALA A 191 -20.43 3.59 39.74
CA ALA A 191 -19.65 2.41 40.09
C ALA A 191 -20.45 1.13 39.95
N ALA A 192 -21.73 1.16 40.33
CA ALA A 192 -22.55 -0.05 40.28
C ALA A 192 -22.68 -0.59 38.87
N LEU A 193 -22.55 0.26 37.86
CA LEU A 193 -22.61 -0.23 36.48
C LEU A 193 -21.52 -1.24 36.21
N PHE A 194 -20.36 -1.05 36.82
CA PHE A 194 -19.25 -1.96 36.57
C PHE A 194 -19.36 -3.24 37.38
N ASP A 195 -20.33 -3.34 38.29
CA ASP A 195 -20.67 -4.65 38.83
C ASP A 195 -21.38 -5.51 37.80
N ASP A 196 -22.02 -4.89 36.80
CA ASP A 196 -22.74 -5.63 35.78
C ASP A 196 -22.05 -5.62 34.41
N HIS A 197 -21.18 -4.64 34.16
CA HIS A 197 -20.49 -4.51 32.88
C HIS A 197 -19.00 -4.69 33.08
N LYS A 198 -18.29 -4.86 31.97
CA LYS A 198 -16.87 -5.20 31.98
C LYS A 198 -16.12 -4.34 30.99
N LEU A 199 -14.93 -3.90 31.37
CA LEU A 199 -14.05 -3.13 30.51
C LEU A 199 -12.87 -3.99 30.09
N VAL A 200 -12.56 -4.00 28.80
CA VAL A 200 -11.46 -4.81 28.27
C VAL A 200 -10.61 -3.95 27.34
N LEU A 201 -9.30 -3.93 27.58
CA LEU A 201 -8.33 -3.29 26.70
C LEU A 201 -7.60 -4.38 25.93
N HIS A 202 -7.70 -4.36 24.61
CA HIS A 202 -7.20 -5.46 23.79
C HIS A 202 -6.51 -4.91 22.55
N THR A 203 -5.90 -5.83 21.80
CA THR A 203 -5.20 -5.52 20.56
C THR A 203 -5.00 -6.82 19.80
N SER A 204 -4.78 -6.68 18.49
CA SER A 204 -4.56 -7.85 17.66
C SER A 204 -3.23 -8.52 18.04
N SER A 205 -3.21 -9.85 17.96
CA SER A 205 -2.00 -10.59 18.32
C SER A 205 -0.81 -10.18 17.45
N TYR A 206 -1.07 -9.80 16.20
CA TYR A 206 -0.01 -9.27 15.36
C TYR A 206 0.56 -7.98 15.93
N ASP A 207 -0.33 -7.03 16.26
CA ASP A 207 0.12 -5.82 16.93
C ASP A 207 0.68 -6.11 18.31
N ALA A 208 0.21 -7.18 18.95
CA ALA A 208 0.73 -7.56 20.26
C ALA A 208 2.18 -8.02 20.17
N LYS A 209 2.54 -8.68 19.06
CA LYS A 209 3.92 -9.10 18.84
C LYS A 209 4.81 -7.98 18.34
N ARG A 210 4.33 -6.74 18.33
CA ARG A 210 5.11 -5.60 17.86
C ARG A 210 5.22 -4.46 18.86
N ALA A 211 4.52 -4.52 19.98
CA ALA A 211 4.58 -3.48 21.00
C ALA A 211 4.08 -4.05 22.31
N GLN A 212 4.31 -3.30 23.39
CA GLN A 212 3.88 -3.70 24.72
C GLN A 212 3.27 -2.50 25.43
N VAL A 213 2.41 -2.77 26.42
CA VAL A 213 1.83 -1.70 27.22
C VAL A 213 1.91 -2.07 28.69
N PHE A 214 2.01 -1.04 29.53
CA PHE A 214 2.07 -1.20 30.98
C PHE A 214 0.99 -0.34 31.63
N HIS A 215 0.30 -0.93 32.61
CA HIS A 215 -0.73 -0.25 33.37
C HIS A 215 -0.16 0.22 34.70
N ILE A 216 -0.44 1.46 35.06
CA ILE A 216 0.09 2.08 36.28
C ILE A 216 -0.84 1.77 37.44
N CYS A 217 -0.26 1.46 38.59
CA CYS A 217 -1.06 1.25 39.80
C CYS A 217 -0.54 2.01 41.01
N GLY A 218 0.78 2.07 41.19
CA GLY A 218 1.42 2.82 42.26
C GLY A 218 1.93 4.15 41.75
N PRO A 219 1.02 5.06 41.36
CA PRO A 219 1.33 6.09 40.37
C PRO A 219 2.69 6.78 40.48
N GLU A 220 3.49 6.62 39.42
CA GLU A 220 4.62 7.46 39.03
C GLU A 220 5.82 7.39 39.96
N ASP A 221 5.79 6.58 41.01
CA ASP A 221 6.88 6.55 41.98
C ASP A 221 7.73 5.29 41.86
N VAL A 222 7.12 4.11 41.99
CA VAL A 222 7.84 2.85 42.01
C VAL A 222 7.82 2.22 40.62
N CYS A 223 8.93 1.56 40.25
CA CYS A 223 9.00 0.94 38.93
C CYS A 223 8.10 -0.29 38.83
N GLU A 224 7.81 -0.94 39.96
CA GLU A 224 6.89 -2.08 39.94
C GLU A 224 5.44 -1.65 39.78
N ALA A 225 5.16 -0.34 39.87
CA ALA A 225 3.81 0.14 39.65
C ALA A 225 3.34 -0.17 38.24
N TYR A 226 4.24 -0.09 37.27
CA TYR A 226 3.90 -0.30 35.86
C TYR A 226 3.96 -1.80 35.60
N ARG A 227 2.79 -2.44 35.58
CA ARG A 227 2.68 -3.87 35.40
C ARG A 227 2.35 -4.20 33.95
N HIS A 228 3.02 -5.20 33.40
CA HIS A 228 2.83 -5.58 32.01
C HIS A 228 1.46 -6.22 31.83
N VAL A 229 0.66 -5.67 30.91
CA VAL A 229 -0.70 -6.15 30.71
C VAL A 229 -0.97 -6.58 29.26
N LEU A 230 -0.24 -6.07 28.28
CA LEU A 230 -0.37 -6.54 26.90
C LEU A 230 1.01 -6.66 26.28
N GLY A 231 1.30 -7.86 25.76
CA GLY A 231 2.58 -8.20 25.17
C GLY A 231 2.50 -9.36 24.20
N GLN A 232 3.47 -10.29 24.27
CA GLN A 232 3.55 -11.37 23.29
C GLN A 232 2.39 -12.35 23.44
N ASP A 233 2.08 -12.76 24.67
CA ASP A 233 0.99 -13.68 24.91
C ASP A 233 -0.32 -12.99 25.24
N LYS A 234 -0.27 -11.76 25.73
CA LYS A 234 -1.45 -11.06 26.23
C LYS A 234 -2.07 -10.23 25.12
N VAL A 235 -3.32 -10.55 24.77
CA VAL A 235 -4.08 -9.80 23.78
C VAL A 235 -5.36 -9.23 24.35
N SER A 236 -5.54 -9.31 25.66
CA SER A 236 -6.71 -8.74 26.33
C SER A 236 -6.39 -8.56 27.81
N TYR A 237 -6.90 -7.49 28.39
CA TYR A 237 -6.67 -7.19 29.80
C TYR A 237 -7.89 -6.47 30.37
N GLU A 238 -8.44 -7.02 31.45
CA GLU A 238 -9.60 -6.42 32.09
C GLU A 238 -9.12 -5.30 33.02
N VAL A 239 -9.41 -4.06 32.64
CA VAL A 239 -9.00 -2.90 33.43
C VAL A 239 -9.86 -2.86 34.69
N PRO A 240 -9.25 -2.85 35.88
CA PRO A 240 -10.02 -2.89 37.12
C PRO A 240 -10.49 -1.55 37.65
N ARG A 241 -10.18 -0.45 36.95
CA ARG A 241 -10.55 0.90 37.37
C ARG A 241 -10.03 1.20 38.78
N LEU A 242 -8.70 1.11 38.91
CA LEU A 242 -8.07 1.35 40.21
C LEU A 242 -8.23 2.80 40.63
N HIS A 243 -8.02 3.74 39.71
CA HIS A 243 -8.14 5.16 40.01
C HIS A 243 -9.54 5.70 39.74
N GLY A 244 -10.31 5.04 38.88
CA GLY A 244 -11.70 5.39 38.64
C GLY A 244 -11.87 6.60 37.74
N ASP A 245 -12.71 6.46 36.71
CA ASP A 245 -12.96 7.47 35.68
C ASP A 245 -11.72 7.82 34.87
N GLU A 246 -10.56 7.23 35.19
CA GLU A 246 -9.35 7.46 34.40
C GLU A 246 -8.26 6.44 34.70
N GLU A 247 -7.71 5.85 33.65
CA GLU A 247 -6.58 4.93 33.75
C GLU A 247 -5.46 5.39 32.82
N ARG A 248 -4.22 5.17 33.25
CA ARG A 248 -3.04 5.53 32.48
C ARG A 248 -2.32 4.28 32.00
N PHE A 249 -1.85 4.34 30.75
CA PHE A 249 -1.09 3.25 30.15
C PHE A 249 0.11 3.83 29.44
N PHE A 250 1.24 3.10 29.51
CA PHE A 250 2.47 3.50 28.84
C PHE A 250 2.82 2.45 27.80
N VAL A 251 2.88 2.87 26.54
CA VAL A 251 3.08 1.97 25.42
C VAL A 251 4.49 2.16 24.87
N GLU A 252 5.13 1.05 24.53
CA GLU A 252 6.45 1.07 23.91
C GLU A 252 6.47 0.14 22.71
N GLY A 253 6.98 0.65 21.59
CA GLY A 253 7.09 -0.16 20.40
C GLY A 253 8.26 -1.15 20.47
N LEU A 254 8.09 -2.28 19.78
CA LEU A 254 9.08 -3.34 19.81
C LEU A 254 9.74 -3.60 18.46
N SER A 255 9.23 -3.03 17.36
CA SER A 255 9.74 -3.34 16.04
C SER A 255 9.72 -2.10 15.16
N PHE A 256 10.76 -1.94 14.36
CA PHE A 256 10.80 -0.93 13.32
C PHE A 256 10.01 -1.42 12.10
N PRO A 257 9.51 -0.50 11.28
CA PRO A 257 8.78 -0.92 10.07
C PRO A 257 9.69 -1.70 9.12
N ASP A 258 9.14 -2.78 8.57
CA ASP A 258 9.90 -3.65 7.68
C ASP A 258 8.95 -4.14 6.58
N ALA A 259 9.40 -5.15 5.83
CA ALA A 259 8.63 -5.65 4.70
C ALA A 259 7.34 -6.35 5.12
N GLY A 260 7.23 -6.75 6.38
CA GLY A 260 6.04 -7.42 6.85
C GLY A 260 5.27 -6.63 7.88
N PHE A 261 5.70 -5.40 8.15
CA PHE A 261 5.10 -4.55 9.17
C PHE A 261 4.83 -3.18 8.55
N THR A 262 3.55 -2.86 8.35
CA THR A 262 3.19 -1.57 7.75
C THR A 262 3.54 -0.40 8.66
N GLY A 263 3.60 -0.62 9.96
CA GLY A 263 3.94 0.42 10.91
C GLY A 263 2.80 0.96 11.76
N LEU A 264 1.61 0.36 11.68
CA LEU A 264 0.45 0.82 12.42
C LEU A 264 0.09 -0.18 13.51
N ILE A 265 -0.11 0.32 14.73
CA ILE A 265 -0.48 -0.51 15.87
C ILE A 265 -1.72 0.11 16.52
N SER A 266 -2.79 -0.67 16.60
CA SER A 266 -4.08 -0.19 17.08
C SER A 266 -4.46 -0.90 18.38
N PHE A 267 -4.93 -0.12 19.35
CA PHE A 267 -5.44 -0.64 20.61
C PHE A 267 -6.93 -0.31 20.72
N HIS A 268 -7.70 -1.26 21.25
CA HIS A 268 -9.14 -1.10 21.36
C HIS A 268 -9.55 -1.22 22.83
N VAL A 269 -10.63 -0.53 23.17
CA VAL A 269 -11.28 -0.67 24.48
C VAL A 269 -12.75 -1.02 24.24
N THR A 270 -13.24 -1.98 25.01
CA THR A 270 -14.58 -2.54 24.79
C THR A 270 -15.33 -2.62 26.11
N LEU A 271 -16.57 -2.14 26.08
CA LEU A 271 -17.52 -2.28 27.18
C LEU A 271 -18.47 -3.42 26.88
N LEU A 272 -18.59 -4.36 27.81
CA LEU A 272 -19.39 -5.56 27.63
C LEU A 272 -20.49 -5.60 28.67
N ASP A 273 -21.71 -5.91 28.22
CA ASP A 273 -22.89 -6.03 29.08
C ASP A 273 -22.99 -7.47 29.57
N ASP A 274 -22.48 -7.72 30.78
CA ASP A 274 -22.56 -9.05 31.37
C ASP A 274 -23.79 -9.18 32.27
N ASP A 278 -25.85 -15.41 32.12
CA ASP A 278 -26.81 -15.42 31.03
C ASP A 278 -26.27 -16.22 29.85
N PHE A 279 -26.05 -15.53 28.74
CA PHE A 279 -25.53 -16.14 27.51
C PHE A 279 -24.01 -16.04 27.46
N SER A 280 -23.50 -14.81 27.46
CA SER A 280 -22.08 -14.49 27.38
C SER A 280 -21.94 -12.97 27.48
N ALA A 281 -20.72 -12.47 27.48
CA ALA A 281 -20.53 -11.02 27.44
C ALA A 281 -20.71 -10.51 26.02
N SER A 282 -21.45 -9.41 25.88
CA SER A 282 -21.78 -8.84 24.59
C SER A 282 -21.32 -7.39 24.53
N PRO A 283 -20.59 -7.00 23.49
CA PRO A 283 -20.06 -5.63 23.43
C PRO A 283 -21.12 -4.63 23.05
N ILE A 284 -21.05 -3.45 23.65
CA ILE A 284 -21.97 -2.36 23.37
C ILE A 284 -21.28 -1.09 22.90
N PHE A 285 -19.96 -1.00 23.04
CA PHE A 285 -19.22 0.18 22.60
C PHE A 285 -17.75 -0.20 22.45
N THR A 286 -17.11 0.30 21.40
CA THR A 286 -15.70 0.06 21.15
C THR A 286 -15.04 1.36 20.71
N ASP A 287 -13.90 1.67 21.32
CA ASP A 287 -13.12 2.84 20.97
C ASP A 287 -11.68 2.42 20.69
N THR A 288 -11.03 3.13 19.77
CA THR A 288 -9.74 2.71 19.25
C THR A 288 -8.73 3.85 19.28
N VAL A 289 -7.46 3.47 19.40
CA VAL A 289 -6.33 4.39 19.29
C VAL A 289 -5.29 3.74 18.38
N VAL A 290 -4.90 4.45 17.32
CA VAL A 290 -4.00 3.92 16.31
C VAL A 290 -2.67 4.65 16.43
N PHE A 291 -1.60 3.91 16.74
CA PHE A 291 -0.25 4.44 16.79
C PHE A 291 0.49 4.11 15.49
N ARG A 292 1.42 4.99 15.13
CA ARG A 292 2.35 4.74 14.03
C ARG A 292 3.76 4.69 14.59
N VAL A 293 4.52 3.67 14.19
CA VAL A 293 5.89 3.52 14.65
C VAL A 293 6.77 4.50 13.88
N ALA A 294 7.50 5.33 14.61
CA ALA A 294 8.35 6.33 13.96
C ALA A 294 9.52 5.65 13.27
N PRO A 295 9.81 5.99 12.02
CA PRO A 295 10.85 5.30 11.27
C PRO A 295 12.24 5.81 11.64
N TRP A 296 13.26 5.16 11.07
CA TRP A 296 14.64 5.54 11.27
C TRP A 296 15.07 6.51 10.17
N ILE A 297 15.67 7.62 10.56
CA ILE A 297 16.00 8.72 9.66
C ILE A 297 17.51 8.92 9.64
N MET A 298 18.06 9.12 8.44
CA MET A 298 19.48 9.38 8.27
C MET A 298 19.74 10.88 8.20
N THR A 299 20.99 11.25 8.45
CA THR A 299 21.42 12.64 8.46
C THR A 299 22.56 12.84 7.46
N PRO A 300 22.41 13.71 6.47
CA PRO A 300 23.49 13.95 5.51
C PRO A 300 24.57 14.85 6.10
N SER A 301 25.64 15.03 5.32
CA SER A 301 26.76 15.86 5.75
C SER A 301 26.43 17.35 5.76
N THR A 302 25.27 17.75 5.22
CA THR A 302 24.90 19.16 5.20
C THR A 302 24.38 19.65 6.54
N LEU A 303 23.92 18.75 7.40
CA LEU A 303 23.43 19.14 8.72
C LEU A 303 24.61 19.33 9.68
N PRO A 304 24.47 20.24 10.65
CA PRO A 304 25.57 20.51 11.58
C PRO A 304 25.94 19.27 12.36
N PRO A 305 27.23 19.05 12.62
CA PRO A 305 27.66 17.84 13.32
C PRO A 305 27.65 17.99 14.84
N LEU A 306 27.64 16.83 15.50
CA LEU A 306 27.64 16.72 16.95
C LEU A 306 28.90 16.04 17.46
N GLU A 307 29.20 14.83 16.99
CA GLU A 307 30.33 14.06 17.48
C GLU A 307 31.07 13.42 16.32
N VAL A 308 32.40 13.36 16.44
CA VAL A 308 33.27 12.70 15.49
C VAL A 308 33.82 11.44 16.13
N TYR A 309 33.73 10.33 15.41
CA TYR A 309 34.16 9.02 15.91
C TYR A 309 35.32 8.54 15.06
N VAL A 310 36.40 8.10 15.70
CA VAL A 310 37.59 7.65 14.99
C VAL A 310 38.05 6.34 15.61
N CYS A 311 38.88 5.62 14.86
CA CYS A 311 39.41 4.35 15.32
C CYS A 311 40.93 4.32 15.16
N ASN A 316 50.22 2.47 13.12
CA ASN A 316 50.29 3.67 13.95
C ASN A 316 49.33 4.71 13.41
N THR A 317 49.13 5.82 14.14
CA THR A 317 48.09 6.76 13.74
C THR A 317 48.49 8.18 14.15
N CYS A 318 49.17 8.88 13.23
CA CYS A 318 49.30 10.33 13.34
C CYS A 318 48.15 11.02 12.60
N PHE A 319 47.01 10.35 12.54
CA PHE A 319 45.77 10.77 11.90
C PHE A 319 44.73 11.24 12.92
N VAL A 320 44.67 10.59 14.08
CA VAL A 320 43.81 11.04 15.18
C VAL A 320 44.16 12.44 15.62
N ASP A 321 45.44 12.84 15.50
CA ASP A 321 45.82 14.19 15.87
C ASP A 321 45.14 15.23 14.99
N ALA A 322 45.20 15.03 13.67
CA ALA A 322 44.56 15.96 12.74
C ALA A 322 43.05 15.91 12.87
N VAL A 323 42.49 14.72 13.12
CA VAL A 323 41.05 14.60 13.35
C VAL A 323 40.63 15.40 14.57
N ALA A 324 41.41 15.30 15.66
CA ALA A 324 41.09 16.04 16.86
C ALA A 324 41.21 17.54 16.63
N GLU A 325 42.24 17.98 15.91
CA GLU A 325 42.41 19.40 15.64
C GLU A 325 41.25 19.94 14.80
N LEU A 326 40.85 19.19 13.76
CA LEU A 326 39.76 19.66 12.92
C LEU A 326 38.42 19.61 13.64
N ALA A 327 38.22 18.62 14.52
CA ALA A 327 36.98 18.57 15.29
C ALA A 327 36.91 19.71 16.30
N ARG A 328 38.05 20.06 16.91
CA ARG A 328 38.07 21.22 17.81
C ARG A 328 37.84 22.51 17.04
N LYS A 329 38.34 22.59 15.80
CA LYS A 329 38.08 23.77 14.98
C LYS A 329 36.62 23.83 14.56
N ALA A 330 35.97 22.67 14.43
CA ALA A 330 34.55 22.62 14.10
C ALA A 330 33.67 22.66 15.34
N GLY A 331 34.17 22.18 16.48
CA GLY A 331 33.41 22.19 17.71
C GLY A 331 32.60 20.94 17.98
N CYS A 332 33.25 19.79 17.93
CA CYS A 332 32.58 18.51 18.13
C CYS A 332 33.43 17.64 19.05
N LYS A 333 32.78 16.90 19.94
CA LYS A 333 33.50 15.95 20.78
C LYS A 333 33.94 14.76 19.93
N LEU A 334 35.00 14.09 20.36
CA LEU A 334 35.59 13.00 19.59
C LEU A 334 35.72 11.75 20.43
N THR A 335 35.44 10.61 19.83
CA THR A 335 35.53 9.31 20.49
C THR A 335 36.62 8.47 19.82
N ILE A 336 37.66 8.14 20.59
CA ILE A 336 38.81 7.37 20.14
C ILE A 336 38.63 5.92 20.57
N CYS A 337 38.94 4.98 19.67
CA CYS A 337 38.75 3.56 19.92
C CYS A 337 40.02 2.80 19.53
N PRO A 338 40.65 2.08 20.46
CA PRO A 338 41.80 1.25 20.09
C PRO A 338 41.39 -0.13 19.59
N GLN A 339 40.12 -0.28 19.23
CA GLN A 339 39.55 -1.58 18.88
C GLN A 339 39.91 -1.93 17.45
N ALA A 340 40.85 -2.84 17.27
CA ALA A 340 41.20 -3.36 15.95
C ALA A 340 41.06 -4.88 15.91
N TRP A 347 38.22 1.08 10.36
CA TRP A 347 37.11 1.42 9.47
C TRP A 347 35.85 1.64 10.30
N ILE A 348 35.80 2.76 11.02
CA ILE A 348 34.68 3.02 11.91
C ILE A 348 33.43 3.49 11.16
N GLN A 349 33.56 3.91 9.90
CA GLN A 349 32.42 4.36 9.14
C GLN A 349 31.73 3.25 8.36
N ASP A 350 32.40 2.11 8.17
CA ASP A 350 31.80 0.98 7.49
C ASP A 350 30.89 0.14 8.38
N GLU A 351 31.09 0.20 9.70
CA GLU A 351 30.40 -0.70 10.61
C GLU A 351 29.04 -0.18 11.08
N MET A 352 28.88 1.13 11.22
CA MET A 352 27.67 1.68 11.81
C MET A 352 27.25 2.94 11.07
N GLU A 353 25.95 3.21 11.07
CA GLU A 353 25.38 4.44 10.54
C GLU A 353 24.56 5.11 11.64
N LEU A 354 24.82 6.39 11.86
CA LEU A 354 24.19 7.15 12.95
C LEU A 354 22.98 7.89 12.41
N GLY A 355 21.77 7.46 12.78
CA GLY A 355 20.57 8.17 12.44
C GLY A 355 19.80 8.56 13.68
N TYR A 356 18.49 8.76 13.55
CA TYR A 356 17.70 9.17 14.70
C TYR A 356 16.23 8.84 14.46
N VAL A 357 15.51 8.64 15.56
CA VAL A 357 14.07 8.45 15.54
C VAL A 357 13.46 9.58 16.35
N GLN A 358 12.44 10.24 15.79
CA GLN A 358 11.91 11.49 16.33
C GLN A 358 10.45 11.30 16.70
N ALA A 359 10.09 11.78 17.89
CA ALA A 359 8.73 11.79 18.39
C ALA A 359 8.49 13.11 19.11
N PRO A 360 7.24 13.56 19.21
CA PRO A 360 6.97 14.80 19.94
C PRO A 360 7.33 14.74 21.42
N HIS A 361 7.36 13.54 22.02
CA HIS A 361 7.75 13.43 23.41
C HIS A 361 9.26 13.38 23.58
N LYS A 362 9.97 12.72 22.66
CA LYS A 362 11.42 12.65 22.72
C LYS A 362 11.96 12.20 21.37
N THR A 363 13.02 12.86 20.91
CA THR A 363 13.70 12.52 19.66
C THR A 363 15.09 12.02 20.00
N LEU A 364 15.31 10.71 19.88
CA LEU A 364 16.59 10.16 20.28
C LEU A 364 17.35 9.58 19.09
N PRO A 365 18.68 9.68 19.09
CA PRO A 365 19.45 9.09 17.99
C PRO A 365 19.50 7.58 18.10
N VAL A 366 19.50 6.92 16.95
CA VAL A 366 19.53 5.46 16.88
C VAL A 366 20.62 5.05 15.89
N VAL A 367 21.41 4.05 16.25
CA VAL A 367 22.48 3.55 15.40
C VAL A 367 22.01 2.29 14.69
N PHE A 368 22.27 2.23 13.39
CA PHE A 368 22.09 1.03 12.59
C PHE A 368 23.42 0.32 12.48
N ASP A 369 23.43 -0.97 12.78
CA ASP A 369 24.65 -1.78 12.77
C ASP A 369 24.71 -2.59 11.48
N SER A 370 25.83 -2.48 10.77
CA SER A 370 25.96 -3.12 9.47
C SER A 370 26.13 -4.63 9.63
N PRO A 371 25.64 -5.41 8.67
CA PRO A 371 25.84 -6.88 8.73
C PRO A 371 27.29 -7.30 8.63
N ARG A 372 28.20 -6.43 8.20
CA ARG A 372 29.61 -6.78 8.21
C ARG A 372 30.10 -6.91 9.66
N ASN A 373 30.85 -7.96 9.93
CA ASN A 373 31.33 -8.23 11.28
C ASN A 373 32.71 -8.90 11.26
N LEU A 376 35.05 -4.37 14.40
CA LEU A 376 34.26 -3.51 15.27
C LEU A 376 32.83 -4.04 15.40
N GLN A 377 32.68 -5.36 15.34
CA GLN A 377 31.35 -5.96 15.36
C GLN A 377 30.63 -5.68 16.68
N ASP A 378 31.37 -5.61 17.78
CA ASP A 378 30.80 -5.36 19.09
C ASP A 378 30.83 -3.89 19.49
N PHE A 379 31.50 -3.03 18.71
CA PHE A 379 31.66 -1.64 19.13
C PHE A 379 30.35 -0.88 19.28
N PRO A 380 29.39 -0.94 18.34
CA PRO A 380 28.12 -0.23 18.55
C PRO A 380 27.40 -0.69 19.82
N TYR A 381 27.15 -2.00 19.92
CA TYR A 381 26.38 -2.52 21.05
C TYR A 381 27.05 -2.21 22.39
N LYS A 382 28.39 -2.13 22.42
CA LYS A 382 29.10 -1.92 23.68
C LYS A 382 29.29 -0.45 24.02
N ARG A 383 29.95 0.30 23.15
CA ARG A 383 30.39 1.66 23.48
C ARG A 383 29.49 2.76 22.92
N ILE A 384 28.53 2.42 22.07
CA ILE A 384 27.67 3.45 21.49
C ILE A 384 26.30 3.53 22.14
N LEU A 385 25.84 2.45 22.79
CA LEU A 385 24.51 2.43 23.41
C LEU A 385 24.56 3.22 24.72
N GLY A 386 24.46 4.54 24.59
CA GLY A 386 24.30 5.40 25.74
C GLY A 386 22.88 5.37 26.26
N PRO A 387 22.55 6.29 27.17
CA PRO A 387 21.17 6.38 27.66
C PRO A 387 20.17 6.63 26.54
N ASP A 388 20.34 7.75 25.84
CA ASP A 388 19.47 8.10 24.70
C ASP A 388 20.17 7.75 23.40
N PHE A 389 20.31 6.44 23.15
CA PHE A 389 20.97 5.98 21.93
C PHE A 389 20.45 4.58 21.62
N GLY A 390 19.53 4.49 20.66
CA GLY A 390 18.92 3.22 20.32
C GLY A 390 19.79 2.39 19.41
N TYR A 391 19.44 1.10 19.30
CA TYR A 391 20.21 0.14 18.53
C TYR A 391 19.28 -0.66 17.62
N VAL A 392 19.59 -0.67 16.32
CA VAL A 392 18.87 -1.51 15.37
C VAL A 392 19.90 -2.18 14.47
N THR A 393 19.64 -3.44 14.13
CA THR A 393 20.52 -4.19 13.23
C THR A 393 19.70 -5.24 12.49
N ARG A 394 20.21 -5.65 11.33
CA ARG A 394 19.55 -6.65 10.49
C ARG A 394 20.59 -7.66 10.05
N GLU A 395 20.57 -8.85 10.68
CA GLU A 395 21.51 -9.90 10.30
C GLU A 395 20.90 -10.78 9.22
N PRO A 396 21.62 -11.05 8.13
CA PRO A 396 21.05 -11.88 7.05
C PRO A 396 20.98 -13.35 7.38
N ARG A 397 21.58 -13.79 8.48
CA ARG A 397 21.59 -15.21 8.85
C ARG A 397 20.22 -15.68 9.31
N GLY A 403 28.46 -10.94 1.49
CA GLY A 403 28.46 -9.73 2.28
C GLY A 403 29.51 -8.72 1.86
N LEU A 404 29.23 -8.01 0.77
CA LEU A 404 30.10 -6.95 0.27
C LEU A 404 29.66 -5.57 0.74
N ASP A 405 28.56 -5.50 1.49
CA ASP A 405 27.88 -4.24 1.78
C ASP A 405 28.22 -3.75 3.18
N SER A 406 28.65 -2.49 3.27
CA SER A 406 28.91 -1.87 4.56
C SER A 406 28.40 -0.44 4.51
N PHE A 407 28.33 0.19 5.68
CA PHE A 407 27.67 1.48 5.82
C PHE A 407 28.51 2.63 5.31
N GLY A 408 29.72 2.38 4.79
CA GLY A 408 30.38 3.36 3.96
C GLY A 408 29.68 3.54 2.63
N ASN A 409 29.01 2.49 2.16
CA ASN A 409 28.16 2.52 0.98
C ASN A 409 26.75 3.03 1.29
N LEU A 410 26.55 3.59 2.48
CA LEU A 410 25.23 4.02 2.94
C LEU A 410 25.31 5.51 3.29
N GLU A 411 24.68 6.34 2.46
CA GLU A 411 24.65 7.77 2.67
C GLU A 411 23.25 8.29 2.35
N VAL A 412 23.08 9.61 2.48
CA VAL A 412 21.79 10.25 2.25
C VAL A 412 22.04 11.65 1.72
N SER A 413 21.16 12.10 0.83
CA SER A 413 21.25 13.41 0.19
C SER A 413 20.55 14.48 1.01
N PRO A 414 20.83 15.75 0.74
CA PRO A 414 20.05 16.82 1.36
C PRO A 414 18.63 16.85 0.82
N PRO A 415 17.75 17.67 1.39
CA PRO A 415 16.39 17.78 0.83
C PRO A 415 16.42 18.17 -0.63
N VAL A 416 15.59 17.51 -1.43
CA VAL A 416 15.59 17.68 -2.88
C VAL A 416 14.16 17.75 -3.39
N VAL A 417 14.04 18.07 -4.69
CA VAL A 417 12.77 18.04 -5.40
C VAL A 417 13.02 17.34 -6.73
N ALA A 418 12.33 16.23 -6.97
CA ALA A 418 12.56 15.46 -8.18
C ALA A 418 11.34 14.60 -8.47
N ASN A 419 11.17 14.28 -9.75
CA ASN A 419 10.05 13.46 -10.22
C ASN A 419 8.71 14.08 -9.85
N GLY A 420 8.66 15.41 -9.75
CA GLY A 420 7.46 16.11 -9.34
C GLY A 420 7.20 16.08 -7.84
N LYS A 421 7.92 15.27 -7.08
CA LYS A 421 7.70 15.12 -5.65
C LYS A 421 8.80 15.84 -4.87
N GLU A 422 8.51 16.08 -3.59
CA GLU A 422 9.44 16.74 -2.68
C GLU A 422 9.98 15.72 -1.68
N TYR A 423 11.27 15.86 -1.34
CA TYR A 423 11.92 15.02 -0.35
C TYR A 423 12.58 15.97 0.65
N PRO A 424 11.82 16.43 1.65
CA PRO A 424 12.35 17.41 2.60
C PRO A 424 13.30 16.83 3.63
N LEU A 425 13.54 15.53 3.61
CA LEU A 425 14.56 14.90 4.45
C LEU A 425 15.57 14.12 3.60
N GLY A 426 15.67 14.44 2.33
CA GLY A 426 16.62 13.77 1.46
C GLY A 426 16.18 12.37 1.10
N ARG A 427 17.00 11.72 0.27
CA ARG A 427 16.78 10.35 -0.13
C ARG A 427 18.02 9.51 0.19
N ILE A 428 17.80 8.24 0.49
CA ILE A 428 18.88 7.33 0.83
C ILE A 428 19.61 6.93 -0.45
N LEU A 429 20.95 6.88 -0.37
CA LEU A 429 21.78 6.50 -1.50
C LEU A 429 22.55 5.25 -1.13
N ILE A 430 22.28 4.16 -1.85
CA ILE A 430 22.98 2.90 -1.63
C ILE A 430 23.67 2.46 -2.91
N GLY A 431 24.37 1.34 -2.85
CA GLY A 431 25.06 0.83 -4.02
C GLY A 431 24.43 -0.43 -4.58
N GLY A 432 24.81 -0.78 -5.80
CA GLY A 432 24.28 -1.97 -6.46
C GLY A 432 24.84 -2.14 -7.85
N ASN A 433 24.05 -2.76 -8.73
CA ASN A 433 24.44 -2.98 -10.11
C ASN A 433 23.37 -2.40 -11.03
N LEU A 434 23.64 -2.44 -12.33
CA LEU A 434 22.66 -2.07 -13.34
C LEU A 434 21.65 -3.20 -13.51
N PRO A 435 20.52 -2.94 -14.18
CA PRO A 435 19.57 -4.04 -14.45
C PRO A 435 20.22 -5.19 -15.21
N GLY A 436 20.34 -6.33 -14.55
CA GLY A 436 20.98 -7.49 -15.14
C GLY A 436 21.67 -8.38 -14.12
N ARG A 440 25.60 -8.97 -7.04
CA ARG A 440 26.35 -7.94 -6.33
C ARG A 440 25.42 -6.84 -5.84
N ARG A 441 24.53 -7.20 -4.91
CA ARG A 441 23.60 -6.26 -4.32
C ARG A 441 23.66 -6.35 -2.80
N VAL A 442 23.25 -5.26 -2.14
CA VAL A 442 23.09 -5.27 -0.70
C VAL A 442 22.06 -6.33 -0.33
N THR A 443 22.22 -6.93 0.86
CA THR A 443 21.31 -7.98 1.29
C THR A 443 19.87 -7.47 1.31
N GLN A 444 18.93 -8.35 0.99
CA GLN A 444 17.54 -7.93 0.84
C GLN A 444 16.95 -7.45 2.16
N VAL A 445 17.44 -7.95 3.29
CA VAL A 445 16.89 -7.51 4.57
C VAL A 445 17.18 -6.03 4.81
N VAL A 446 18.40 -5.59 4.50
CA VAL A 446 18.75 -4.18 4.67
C VAL A 446 18.01 -3.32 3.64
N ARG A 447 17.87 -3.83 2.43
CA ARG A 447 17.12 -3.09 1.40
C ARG A 447 15.67 -2.90 1.80
N ASP A 448 15.03 -3.96 2.30
CA ASP A 448 13.64 -3.85 2.71
C ASP A 448 13.49 -2.93 3.93
N PHE A 449 14.46 -2.97 4.84
CA PHE A 449 14.41 -2.10 6.00
C PHE A 449 14.53 -0.64 5.59
N LEU A 450 15.44 -0.33 4.66
CA LEU A 450 15.58 1.05 4.21
C LEU A 450 14.38 1.49 3.40
N HIS A 451 13.84 0.61 2.55
CA HIS A 451 12.70 0.97 1.72
C HIS A 451 11.44 1.19 2.56
N ALA A 452 11.32 0.51 3.69
CA ALA A 452 10.08 0.54 4.46
C ALA A 452 9.97 1.73 5.41
N GLN A 453 11.01 2.56 5.51
CA GLN A 453 10.92 3.74 6.37
C GLN A 453 10.11 4.87 5.74
N LYS A 454 9.98 4.88 4.41
CA LYS A 454 9.02 5.72 3.68
C LYS A 454 9.32 7.21 3.75
N VAL A 455 10.34 7.61 4.52
CA VAL A 455 10.63 9.02 4.71
C VAL A 455 11.80 9.50 3.85
N GLN A 456 12.68 8.61 3.44
CA GLN A 456 13.81 8.95 2.56
C GLN A 456 13.90 7.88 1.50
N PRO A 457 13.07 7.96 0.46
CA PRO A 457 12.99 6.89 -0.55
C PRO A 457 14.34 6.60 -1.16
N PRO A 458 14.89 5.41 -0.95
CA PRO A 458 16.27 5.14 -1.37
C PRO A 458 16.43 5.10 -2.87
N VAL A 459 17.65 5.39 -3.32
CA VAL A 459 18.04 5.36 -4.72
C VAL A 459 19.23 4.42 -4.87
N GLU A 460 19.11 3.45 -5.77
CA GLU A 460 20.19 2.51 -6.02
C GLU A 460 21.11 3.03 -7.11
N LEU A 461 22.41 2.93 -6.88
CA LEU A 461 23.42 3.47 -7.78
C LEU A 461 24.28 2.34 -8.35
N PHE A 462 25.25 2.72 -9.17
CA PHE A 462 26.19 1.78 -9.77
C PHE A 462 27.54 1.93 -9.08
N VAL A 463 27.84 1.01 -8.18
CA VAL A 463 29.10 0.97 -7.45
C VAL A 463 29.82 -0.36 -7.62
N ASP A 464 29.23 -1.30 -8.36
CA ASP A 464 29.83 -2.63 -8.50
C ASP A 464 31.20 -2.56 -9.15
N TRP A 465 31.45 -1.57 -10.00
CA TRP A 465 32.72 -1.47 -10.70
C TRP A 465 33.90 -1.17 -9.79
N LEU A 466 33.66 -0.78 -8.55
CA LEU A 466 34.73 -0.51 -7.59
C LEU A 466 35.17 -1.79 -6.90
N ALA A 467 36.39 -1.77 -6.37
CA ALA A 467 36.95 -2.94 -5.72
C ALA A 467 36.17 -3.30 -4.46
N VAL A 468 36.03 -2.35 -3.55
CA VAL A 468 35.26 -2.59 -2.32
C VAL A 468 33.79 -2.26 -2.52
N GLY A 469 33.48 -1.16 -3.20
CA GLY A 469 32.11 -0.87 -3.56
C GLY A 469 31.34 -0.01 -2.57
N HIS A 470 31.88 1.15 -2.23
CA HIS A 470 31.22 2.10 -1.34
C HIS A 470 30.84 3.37 -2.10
N VAL A 471 29.67 3.92 -1.78
CA VAL A 471 29.20 5.12 -2.45
C VAL A 471 30.14 6.29 -2.18
N ASP A 472 30.68 6.37 -0.96
CA ASP A 472 31.56 7.50 -0.61
C ASP A 472 32.91 7.45 -1.32
N GLU A 473 33.12 6.52 -2.26
CA GLU A 473 34.33 6.50 -3.06
C GLU A 473 34.26 7.42 -4.27
N PHE A 474 33.07 7.82 -4.68
CA PHE A 474 32.92 8.74 -5.80
C PHE A 474 31.87 9.83 -5.56
N LEU A 475 31.18 9.82 -4.43
CA LEU A 475 30.07 10.72 -4.19
C LEU A 475 30.17 11.33 -2.79
N SER A 476 29.98 12.64 -2.71
CA SER A 476 29.91 13.31 -1.42
C SER A 476 29.03 14.55 -1.57
N PHE A 477 28.68 15.14 -0.44
CA PHE A 477 27.89 16.37 -0.41
C PHE A 477 28.56 17.38 0.51
N VAL A 478 28.34 18.66 0.21
CA VAL A 478 28.97 19.74 0.97
C VAL A 478 28.00 20.89 1.09
N PRO A 479 28.07 21.63 2.21
CA PRO A 479 27.22 22.82 2.35
C PRO A 479 27.70 23.96 1.48
N ALA A 480 26.78 24.53 0.71
CA ALA A 480 27.05 25.67 -0.16
C ALA A 480 26.14 26.83 0.21
N PRO A 481 26.67 28.05 0.35
CA PRO A 481 25.82 29.18 0.74
C PRO A 481 24.89 29.66 -0.38
N ASP A 482 25.04 29.17 -1.61
CA ASP A 482 24.16 29.59 -2.69
C ASP A 482 23.54 28.38 -3.39
N GLY A 483 22.83 28.62 -4.49
CA GLY A 483 22.27 27.51 -5.24
C GLY A 483 21.18 26.81 -4.46
N LYS A 484 21.22 25.48 -4.47
CA LYS A 484 20.26 24.65 -3.76
C LYS A 484 20.67 24.40 -2.31
N GLY A 485 21.53 25.25 -1.75
CA GLY A 485 21.98 25.08 -0.39
C GLY A 485 23.11 24.10 -0.19
N PHE A 486 23.54 23.41 -1.26
CA PHE A 486 24.59 22.42 -1.13
C PHE A 486 25.23 22.19 -2.50
N ARG A 487 26.29 21.40 -2.50
CA ARG A 487 27.02 21.03 -3.72
C ARG A 487 27.32 19.55 -3.66
N MET A 488 27.07 18.84 -4.75
CA MET A 488 27.38 17.43 -4.85
C MET A 488 28.77 17.27 -5.48
N LEU A 489 29.70 16.69 -4.72
CA LEU A 489 31.06 16.47 -5.19
C LEU A 489 31.16 15.08 -5.78
N LEU A 490 31.56 15.01 -7.05
CA LEU A 490 31.76 13.74 -7.75
C LEU A 490 33.21 13.63 -8.19
N ALA A 491 33.82 12.46 -7.97
CA ALA A 491 35.16 12.21 -8.47
C ALA A 491 35.11 12.06 -9.98
N SER A 492 35.96 12.80 -10.68
CA SER A 492 36.00 12.81 -12.14
C SER A 492 37.43 12.61 -12.61
N PRO A 493 37.77 11.48 -13.23
CA PRO A 493 39.08 11.36 -13.86
C PRO A 493 39.32 12.39 -14.94
N GLY A 494 38.26 12.86 -15.62
CA GLY A 494 38.41 13.91 -16.60
C GLY A 494 38.86 15.23 -15.99
N ALA A 495 38.44 15.51 -14.75
CA ALA A 495 38.94 16.69 -14.06
C ALA A 495 40.45 16.60 -13.85
N CYS A 496 40.94 15.41 -13.50
CA CYS A 496 42.38 15.21 -13.37
C CYS A 496 43.08 15.32 -14.72
N PHE A 497 42.44 14.82 -15.78
CA PHE A 497 42.96 15.02 -17.13
C PHE A 497 43.16 16.50 -17.41
N LYS A 498 42.11 17.30 -17.18
CA LYS A 498 42.19 18.74 -17.44
C LYS A 498 43.28 19.39 -16.61
N LEU A 499 43.34 19.07 -15.31
CA LEU A 499 44.32 19.71 -14.43
C LEU A 499 45.74 19.36 -14.86
N PHE A 500 46.02 18.07 -15.08
CA PHE A 500 47.38 17.67 -15.44
C PHE A 500 47.78 18.20 -16.80
N GLN A 501 46.87 18.18 -17.79
CA GLN A 501 47.20 18.72 -19.10
C GLN A 501 47.43 20.22 -19.03
N GLU A 502 46.62 20.94 -18.25
CA GLU A 502 46.78 22.38 -18.13
C GLU A 502 48.11 22.73 -17.49
N LYS A 503 48.50 22.02 -16.43
CA LYS A 503 49.78 22.27 -15.81
C LYS A 503 50.95 21.72 -16.61
N GLN A 504 50.71 20.79 -17.53
CA GLN A 504 51.75 20.28 -18.41
C GLN A 504 52.05 21.25 -19.55
N LYS A 505 51.00 21.91 -20.07
CA LYS A 505 51.23 22.91 -21.11
C LYS A 505 52.08 24.08 -20.63
N CYS A 506 52.20 24.26 -19.32
CA CYS A 506 53.05 25.31 -18.76
C CYS A 506 54.49 24.86 -18.57
N GLY A 507 54.78 23.58 -18.76
CA GLY A 507 56.14 23.07 -18.61
C GLY A 507 56.43 22.34 -17.32
N HIS A 508 55.41 21.94 -16.57
CA HIS A 508 55.59 21.26 -15.30
C HIS A 508 55.27 19.77 -15.38
N GLY A 509 55.33 19.19 -16.57
CA GLY A 509 55.08 17.76 -16.72
C GLY A 509 56.05 16.89 -15.96
N ARG A 510 57.23 17.42 -15.63
CA ARG A 510 58.23 16.70 -14.84
C ARG A 510 57.99 16.82 -13.34
N ALA A 511 56.84 17.31 -12.92
CA ALA A 511 56.50 17.34 -11.50
C ALA A 511 56.02 15.96 -11.06
N LEU A 512 56.47 15.54 -9.87
CA LEU A 512 56.34 14.17 -9.42
C LEU A 512 55.20 14.02 -8.42
N LEU A 513 54.32 13.04 -8.66
CA LEU A 513 53.34 12.61 -7.68
C LEU A 513 53.99 11.69 -6.65
N PHE A 514 53.37 11.60 -5.48
CA PHE A 514 53.83 10.75 -4.39
C PHE A 514 55.25 11.13 -3.96
N GLN A 515 55.59 12.41 -4.10
CA GLN A 515 56.95 12.85 -3.82
C GLN A 515 57.25 12.79 -2.32
N GLY A 516 56.48 13.52 -1.51
CA GLY A 516 56.72 13.58 -0.09
C GLY A 516 55.99 12.52 0.72
N VAL A 517 56.25 11.24 0.40
CA VAL A 517 55.65 10.13 1.13
C VAL A 517 56.77 9.25 1.70
N VAL A 518 56.38 8.33 2.57
CA VAL A 518 57.30 7.32 3.09
C VAL A 518 57.41 6.19 2.08
N ASP A 519 58.64 5.84 1.72
CA ASP A 519 58.87 4.86 0.65
C ASP A 519 58.88 3.45 1.21
N VAL A 523 54.37 4.91 -3.15
CA VAL A 523 55.55 4.05 -3.08
C VAL A 523 56.53 4.42 -4.19
N LYS A 524 56.12 4.22 -5.44
CA LYS A 524 56.95 4.51 -6.59
C LYS A 524 56.58 5.88 -7.14
N THR A 525 57.53 6.81 -7.12
CA THR A 525 57.30 8.16 -7.61
C THR A 525 56.99 8.14 -9.11
N ILE A 526 56.12 9.06 -9.52
CA ILE A 526 55.67 9.11 -10.91
C ILE A 526 55.38 10.57 -11.28
N SER A 527 55.69 10.94 -12.51
CA SER A 527 55.54 12.30 -12.99
C SER A 527 54.25 12.46 -13.80
N ILE A 528 53.94 13.72 -14.12
CA ILE A 528 52.74 14.02 -14.91
C ILE A 528 52.87 13.46 -16.32
N ASN A 529 54.06 13.59 -16.92
CA ASN A 529 54.27 13.08 -18.27
C ASN A 529 54.14 11.56 -18.33
N GLN A 530 54.53 10.88 -17.25
CA GLN A 530 54.38 9.43 -17.21
C GLN A 530 52.91 9.02 -17.11
N VAL A 531 52.11 9.79 -16.37
CA VAL A 531 50.70 9.47 -16.21
C VAL A 531 49.94 9.75 -17.49
N LEU A 532 50.17 10.92 -18.09
CA LEU A 532 49.41 11.32 -19.27
C LEU A 532 49.72 10.44 -20.47
N SER A 533 50.94 9.91 -20.55
CA SER A 533 51.33 9.05 -21.67
C SER A 533 51.14 7.57 -21.39
N ASN A 534 50.62 7.22 -20.21
CA ASN A 534 50.30 5.82 -19.90
C ASN A 534 48.98 5.45 -20.57
N LYS A 535 49.06 4.68 -21.65
CA LYS A 535 47.87 4.41 -22.45
C LYS A 535 46.82 3.61 -21.67
N ASP A 536 47.25 2.57 -20.98
CA ASP A 536 46.31 1.71 -20.27
C ASP A 536 45.67 2.44 -19.10
N LEU A 537 46.46 3.24 -18.38
CA LEU A 537 45.92 4.00 -17.26
C LEU A 537 44.86 4.99 -17.72
N ILE A 538 45.13 5.69 -18.82
CA ILE A 538 44.17 6.65 -19.35
C ILE A 538 42.90 5.95 -19.81
N ASN A 539 43.05 4.79 -20.48
CA ASN A 539 41.86 4.07 -20.94
C ASN A 539 41.01 3.59 -19.77
N TYR A 540 41.65 3.05 -18.73
CA TYR A 540 40.88 2.57 -17.58
C TYR A 540 40.20 3.74 -16.86
N ASN A 541 40.91 4.87 -16.69
CA ASN A 541 40.30 6.03 -16.07
C ASN A 541 39.15 6.58 -16.92
N LYS A 542 39.22 6.46 -18.25
CA LYS A 542 38.07 6.82 -19.08
C LYS A 542 36.89 5.91 -18.81
N PHE A 543 37.14 4.60 -18.64
CA PHE A 543 36.07 3.68 -18.28
C PHE A 543 35.45 4.05 -16.93
N VAL A 544 36.30 4.36 -15.95
CA VAL A 544 35.83 4.79 -14.64
C VAL A 544 35.00 6.06 -14.76
N GLN A 545 35.45 7.01 -15.60
CA GLN A 545 34.72 8.24 -15.81
C GLN A 545 33.36 7.97 -16.43
N SER A 546 33.27 6.97 -17.32
CA SER A 546 31.97 6.63 -17.90
C SER A 546 31.03 6.05 -16.85
N CYS A 547 31.55 5.19 -15.97
CA CYS A 547 30.72 4.68 -14.88
C CYS A 547 30.22 5.82 -13.99
N ILE A 548 31.12 6.73 -13.63
CA ILE A 548 30.73 7.85 -12.77
C ILE A 548 29.80 8.80 -13.53
N ASP A 549 29.87 8.82 -14.86
CA ASP A 549 28.92 9.63 -15.63
C ASP A 549 27.52 9.02 -15.60
N TRP A 550 27.44 7.70 -15.71
CA TRP A 550 26.15 7.02 -15.52
C TRP A 550 25.58 7.38 -14.16
N ASN A 551 26.39 7.26 -13.10
CA ASN A 551 25.92 7.61 -11.77
C ASN A 551 25.56 9.09 -11.68
N ARG A 552 26.28 9.95 -12.39
CA ARG A 552 25.99 11.39 -12.38
C ARG A 552 24.62 11.67 -12.98
N GLU A 553 24.30 11.02 -14.11
CA GLU A 553 23.00 11.23 -14.72
C GLU A 553 21.88 10.68 -13.84
N VAL A 554 22.10 9.51 -13.24
CA VAL A 554 21.08 8.95 -12.33
C VAL A 554 20.89 9.87 -11.14
N LEU A 555 21.96 10.49 -10.65
CA LEU A 555 21.86 11.40 -9.52
C LEU A 555 21.10 12.66 -9.90
N LYS A 556 21.40 13.23 -11.07
CA LYS A 556 20.69 14.42 -11.52
C LYS A 556 19.21 14.12 -11.76
N ARG A 557 18.89 12.90 -12.16
CA ARG A 557 17.49 12.55 -12.38
C ARG A 557 16.76 12.36 -11.06
N GLU A 558 17.29 11.51 -10.18
CA GLU A 558 16.57 11.13 -8.97
C GLU A 558 16.64 12.18 -7.86
N LEU A 559 17.60 13.10 -7.93
CA LEU A 559 17.71 14.16 -6.93
C LEU A 559 17.36 15.54 -7.48
N GLY A 560 17.08 15.65 -8.78
CA GLY A 560 16.69 16.92 -9.36
C GLY A 560 17.75 18.01 -9.29
N LEU A 561 19.02 17.63 -9.35
CA LEU A 561 20.11 18.60 -9.35
C LEU A 561 20.55 18.91 -10.77
N ALA A 562 21.15 20.08 -10.94
CA ALA A 562 21.66 20.54 -12.22
C ALA A 562 23.19 20.53 -12.20
N GLU A 563 23.78 20.98 -13.30
CA GLU A 563 25.24 21.00 -13.40
C GLU A 563 25.86 22.06 -12.48
N CYS A 564 25.17 23.19 -12.28
CA CYS A 564 25.68 24.23 -11.41
C CYS A 564 25.78 23.81 -9.95
N ASP A 565 25.23 22.64 -9.60
CA ASP A 565 25.32 22.12 -8.24
C ASP A 565 26.32 20.98 -8.12
N ILE A 566 26.84 20.47 -9.23
CA ILE A 566 27.81 19.37 -9.23
C ILE A 566 29.20 19.94 -9.39
N ILE A 567 30.15 19.40 -8.61
CA ILE A 567 31.55 19.80 -8.68
C ILE A 567 32.38 18.56 -8.96
N ASP A 568 33.14 18.60 -10.05
CA ASP A 568 34.03 17.50 -10.43
C ASP A 568 35.38 17.68 -9.74
N ILE A 569 35.80 16.66 -9.01
CA ILE A 569 37.05 16.67 -8.25
C ILE A 569 38.03 15.72 -8.93
N PRO A 570 39.26 16.15 -9.23
CA PRO A 570 40.20 15.25 -9.90
C PRO A 570 40.55 14.03 -9.06
N GLN A 571 40.43 12.85 -9.68
CA GLN A 571 40.70 11.59 -8.99
C GLN A 571 41.01 10.51 -10.02
N LEU A 572 42.18 9.89 -9.91
CA LEU A 572 42.58 8.78 -10.78
C LEU A 572 42.42 7.45 -10.06
N PHE A 573 42.39 6.37 -10.86
CA PHE A 573 42.14 5.04 -10.34
C PHE A 573 43.13 4.04 -10.93
N LYS A 574 43.49 3.05 -10.12
CA LYS A 574 44.31 1.91 -10.50
C LYS A 574 43.46 0.66 -10.62
N THR A 575 44.15 -0.41 -11.05
CA THR A 575 43.57 -1.73 -11.29
C THR A 575 44.71 -2.75 -11.20
N GLU A 576 44.54 -3.75 -10.34
CA GLU A 576 45.40 -4.93 -10.35
C GLU A 576 44.63 -6.11 -10.92
N ARG A 577 44.34 -6.05 -12.23
CA ARG A 577 43.62 -7.13 -12.92
C ARG A 577 42.25 -7.38 -12.30
N LYS A 578 41.67 -6.33 -11.73
CA LYS A 578 40.46 -6.36 -10.91
C LYS A 578 39.68 -5.06 -11.07
N LYS A 579 39.02 -4.63 -10.01
CA LYS A 579 38.14 -3.48 -10.07
C LYS A 579 38.97 -2.23 -9.73
N ALA A 580 38.32 -1.11 -9.42
CA ALA A 580 39.01 0.17 -9.35
C ALA A 580 39.39 0.56 -7.93
N THR A 581 40.61 1.07 -7.77
CA THR A 581 41.08 1.57 -6.49
C THR A 581 41.73 2.93 -6.68
N ALA A 582 41.87 3.69 -5.60
CA ALA A 582 42.38 5.05 -5.71
C ALA A 582 43.87 5.07 -6.05
N PHE A 583 44.21 5.77 -7.14
CA PHE A 583 45.62 5.95 -7.51
C PHE A 583 46.35 6.78 -6.46
N PHE A 584 45.96 8.04 -6.32
CA PHE A 584 46.33 8.89 -5.20
C PHE A 584 45.15 9.03 -4.26
N PRO A 585 45.37 9.44 -3.01
CA PRO A 585 44.29 9.42 -2.02
C PRO A 585 43.00 10.06 -2.53
N ASP A 586 41.89 9.35 -2.31
CA ASP A 586 40.60 9.77 -2.84
C ASP A 586 40.12 11.03 -2.14
N LEU A 587 39.80 12.06 -2.92
CA LEU A 587 39.49 13.36 -2.36
C LEU A 587 38.02 13.48 -1.94
N VAL A 588 37.10 12.95 -2.75
CA VAL A 588 35.69 13.04 -2.41
C VAL A 588 35.35 12.25 -1.15
N ASN A 589 36.19 11.28 -0.78
CA ASN A 589 36.00 10.49 0.44
C ASN A 589 36.46 11.31 1.66
N MET A 590 35.81 12.45 1.85
CA MET A 590 36.22 13.45 2.84
C MET A 590 35.20 13.52 3.97
N LEU A 591 35.67 13.99 5.13
CA LEU A 591 34.81 14.24 6.26
C LEU A 591 34.33 15.68 6.24
N VAL A 592 33.04 15.90 6.41
CA VAL A 592 32.44 17.23 6.28
C VAL A 592 31.75 17.58 7.60
N LEU A 593 32.33 18.51 8.35
CA LEU A 593 31.74 19.03 9.57
C LEU A 593 31.45 20.51 9.31
N GLY A 594 30.26 20.79 8.77
CA GLY A 594 29.85 22.16 8.52
C GLY A 594 30.79 22.94 7.63
N LYS A 595 31.49 23.91 8.22
CA LYS A 595 32.40 24.76 7.46
C LYS A 595 33.76 24.11 7.26
N HIS A 596 34.11 23.09 8.03
CA HIS A 596 35.43 22.49 7.98
C HIS A 596 35.35 21.08 7.41
N LEU A 597 36.16 20.81 6.40
CA LEU A 597 36.20 19.49 5.78
C LEU A 597 37.62 18.95 5.80
N GLY A 598 37.75 17.69 6.19
CA GLY A 598 39.01 16.99 6.15
C GLY A 598 39.12 16.15 4.91
N ILE A 599 40.13 16.43 4.10
CA ILE A 599 40.34 15.78 2.81
C ILE A 599 41.67 15.05 2.87
N PRO A 600 41.78 13.83 2.34
CA PRO A 600 43.07 13.14 2.33
C PRO A 600 44.08 13.87 1.48
N LYS A 601 45.30 14.02 2.02
CA LYS A 601 46.38 14.69 1.32
C LYS A 601 46.73 13.90 0.06
N PRO A 602 46.45 14.44 -1.12
CA PRO A 602 46.64 13.64 -2.35
C PRO A 602 48.09 13.42 -2.73
N PHE A 603 49.01 14.24 -2.22
CA PHE A 603 50.43 14.12 -2.55
C PHE A 603 50.66 14.16 -4.07
N GLY A 604 50.01 15.14 -4.71
CA GLY A 604 50.10 15.31 -6.14
C GLY A 604 51.39 15.98 -6.58
N PRO A 605 51.44 16.38 -7.84
CA PRO A 605 52.66 17.01 -8.37
C PRO A 605 52.85 18.40 -7.81
N ILE A 606 54.08 18.67 -7.36
CA ILE A 606 54.42 19.93 -6.71
C ILE A 606 54.97 20.90 -7.76
N ILE A 607 54.35 22.07 -7.88
CA ILE A 607 54.74 23.07 -8.88
C ILE A 607 55.43 24.26 -8.22
N ASN A 608 54.73 24.97 -7.33
CA ASN A 608 55.27 26.15 -6.66
C ASN A 608 55.60 25.86 -5.19
N GLY A 609 55.95 24.62 -4.88
CA GLY A 609 56.11 24.21 -3.50
C GLY A 609 54.84 23.68 -2.86
N CYS A 610 53.75 23.58 -3.60
CA CYS A 610 52.47 23.14 -3.07
C CYS A 610 51.80 22.21 -4.07
N CYS A 611 51.14 21.17 -3.54
CA CYS A 611 50.44 20.20 -4.38
C CYS A 611 49.36 20.90 -5.21
N CYS A 612 49.45 20.77 -6.53
CA CYS A 612 48.50 21.44 -7.41
C CYS A 612 47.13 20.79 -7.34
N LEU A 613 47.06 19.50 -7.00
CA LEU A 613 45.77 18.88 -6.72
C LEU A 613 45.09 19.57 -5.54
N GLU A 614 45.86 19.87 -4.49
CA GLU A 614 45.31 20.61 -3.35
C GLU A 614 44.86 22.00 -3.76
N GLU A 615 45.61 22.65 -4.66
CA GLU A 615 45.23 23.98 -5.10
C GLU A 615 43.93 23.94 -5.92
N LYS A 616 43.76 22.90 -6.74
CA LYS A 616 42.50 22.76 -7.47
C LYS A 616 41.34 22.47 -6.51
N VAL A 617 41.59 21.62 -5.51
CA VAL A 617 40.54 21.34 -4.51
C VAL A 617 40.14 22.61 -3.79
N ARG A 618 41.13 23.45 -3.43
CA ARG A 618 40.82 24.74 -2.82
C ARG A 618 40.03 25.62 -3.76
N SER A 619 40.51 25.78 -5.00
CA SER A 619 39.81 26.60 -5.99
C SER A 619 38.40 26.11 -6.26
N LEU A 620 38.10 24.86 -5.94
CA LEU A 620 36.73 24.36 -6.12
C LEU A 620 35.88 24.44 -4.87
N LEU A 621 36.47 24.34 -3.68
CA LEU A 621 35.70 24.26 -2.45
C LEU A 621 35.68 25.57 -1.66
N GLU A 622 36.81 26.27 -1.56
CA GLU A 622 36.84 27.53 -0.82
C GLU A 622 35.94 28.62 -1.39
N PRO A 623 35.66 28.70 -2.70
CA PRO A 623 34.62 29.63 -3.15
C PRO A 623 33.26 29.36 -2.54
N LEU A 624 33.02 28.17 -2.00
CA LEU A 624 31.84 27.87 -1.21
C LEU A 624 32.03 28.21 0.27
N GLY A 625 33.06 28.99 0.59
CA GLY A 625 33.32 29.40 1.96
C GLY A 625 33.95 28.35 2.85
N LEU A 626 34.05 27.10 2.39
CA LEU A 626 34.58 26.04 3.23
C LEU A 626 36.07 26.19 3.45
N HIS A 627 36.56 25.56 4.52
CA HIS A 627 37.98 25.58 4.88
C HIS A 627 38.55 24.19 4.61
N CYS A 628 39.55 24.14 3.74
CA CYS A 628 40.13 22.88 3.27
C CYS A 628 41.36 22.55 4.11
N THR A 629 41.23 21.54 4.96
CA THR A 629 42.34 21.03 5.77
C THR A 629 42.72 19.65 5.24
N PHE A 630 43.95 19.53 4.74
CA PHE A 630 44.43 18.30 4.15
C PHE A 630 45.21 17.50 5.19
N ILE A 631 44.80 16.25 5.39
CA ILE A 631 45.37 15.37 6.41
C ILE A 631 46.25 14.34 5.71
N ASP A 632 47.41 14.07 6.30
CA ASP A 632 48.32 13.08 5.75
C ASP A 632 47.71 11.70 5.92
N ASP A 633 47.02 11.23 4.87
CA ASP A 633 46.31 9.96 4.91
C ASP A 633 46.85 9.03 3.85
N PHE A 634 48.17 8.83 3.83
CA PHE A 634 48.83 7.90 2.92
C PHE A 634 49.45 6.72 3.65
N THR A 635 50.01 6.95 4.83
CA THR A 635 50.66 5.90 5.61
C THR A 635 49.64 4.98 6.30
N PRO A 636 48.61 5.48 7.01
CA PRO A 636 47.74 4.55 7.74
C PRO A 636 46.62 3.89 6.93
N TYR A 637 46.03 4.61 5.98
CA TYR A 637 44.79 4.13 5.38
C TYR A 637 44.81 3.95 3.86
N HIS A 638 45.42 4.87 3.11
CA HIS A 638 45.28 4.86 1.66
C HIS A 638 45.80 3.57 1.03
N MET A 639 46.82 2.95 1.61
CA MET A 639 47.31 1.69 1.08
C MET A 639 46.34 0.55 1.35
N LEU A 640 45.41 0.73 2.28
CA LEU A 640 44.41 -0.28 2.61
C LEU A 640 43.04 0.05 2.04
N HIS A 641 42.99 0.84 0.96
CA HIS A 641 41.76 1.09 0.20
C HIS A 641 40.72 1.81 1.04
N GLY A 642 41.13 2.89 1.70
CA GLY A 642 40.22 3.69 2.48
C GLY A 642 40.75 5.09 2.71
N GLU A 643 39.82 6.01 2.99
CA GLU A 643 40.19 7.40 3.24
C GLU A 643 39.60 7.89 4.56
N VAL A 644 39.67 9.20 4.79
CA VAL A 644 39.26 9.76 6.08
C VAL A 644 37.77 9.50 6.33
N HIS A 645 36.93 9.76 5.33
CA HIS A 645 35.50 9.52 5.50
C HIS A 645 35.19 8.04 5.68
N ALA A 646 36.06 7.16 5.21
CA ALA A 646 35.93 5.73 5.44
C ALA A 646 36.54 5.30 6.76
N GLY A 647 37.08 6.23 7.54
CA GLY A 647 37.66 5.91 8.83
C GLY A 647 37.19 6.86 9.92
N THR A 648 36.26 7.75 9.59
CA THR A 648 35.68 8.69 10.55
C THR A 648 34.18 8.73 10.35
N ASN A 649 33.44 8.53 11.44
CA ASN A 649 31.99 8.61 11.44
C ASN A 649 31.55 9.89 12.13
N VAL A 650 30.29 10.27 11.91
CA VAL A 650 29.78 11.53 12.44
C VAL A 650 28.31 11.36 12.81
N CYS A 651 27.93 11.98 13.91
CA CYS A 651 26.53 12.15 14.29
C CYS A 651 26.13 13.59 13.97
N ARG A 652 24.88 13.78 13.56
CA ARG A 652 24.44 15.10 13.11
C ARG A 652 23.23 15.56 13.90
N LYS A 653 22.94 16.86 13.79
CA LYS A 653 21.70 17.40 14.31
C LYS A 653 20.54 16.90 13.45
N PRO A 654 19.45 16.44 14.06
CA PRO A 654 18.31 15.97 13.27
C PRO A 654 17.68 17.09 12.45
N PHE A 655 16.90 16.69 11.46
CA PHE A 655 16.26 17.66 10.57
C PHE A 655 15.24 18.50 11.34
N SER A 656 15.11 19.76 10.92
CA SER A 656 14.06 20.61 11.49
C SER A 656 12.68 20.20 10.99
N PHE A 657 12.59 19.74 9.74
CA PHE A 657 11.32 19.27 9.19
C PHE A 657 10.91 17.98 9.89
N LYS A 658 9.73 17.98 10.50
CA LYS A 658 9.22 16.80 11.17
C LYS A 658 8.64 15.82 10.15
N TRP A 659 8.92 14.53 10.35
CA TRP A 659 8.65 13.55 9.32
C TRP A 659 7.15 13.29 9.11
N TRP A 660 6.31 13.60 10.09
CA TRP A 660 4.88 13.33 9.91
C TRP A 660 4.26 14.20 8.82
N ASN A 661 4.93 15.28 8.42
CA ASN A 661 4.47 16.15 7.35
C ASN A 661 5.10 15.80 6.00
N MET A 662 5.72 14.63 5.88
CA MET A 662 6.48 14.28 4.69
C MET A 662 5.59 14.00 3.47
N VAL A 663 4.34 13.59 3.70
CA VAL A 663 3.42 13.17 2.64
C VAL A 663 4.11 12.24 1.66
N PRO A 664 4.40 10.98 2.04
CA PRO A 664 5.06 10.03 1.14
C PRO A 664 4.25 9.77 -0.14
N LEU B 3 15.70 9.83 -19.34
CA LEU B 3 16.58 8.96 -20.11
C LEU B 3 17.72 9.74 -20.77
N GLN B 4 18.82 9.90 -20.05
CA GLN B 4 19.98 10.62 -20.56
C GLN B 4 21.23 9.79 -20.31
N ARG B 5 22.07 9.67 -21.34
CA ARG B 5 23.29 8.87 -21.29
C ARG B 5 24.46 9.73 -21.77
N ILE B 6 25.48 9.87 -20.93
CA ILE B 6 26.65 10.66 -21.26
C ILE B 6 27.66 9.78 -21.98
N VAL B 7 28.09 10.23 -23.16
CA VAL B 7 29.14 9.56 -23.93
C VAL B 7 30.22 10.58 -24.20
N ARG B 8 31.43 10.32 -23.69
CA ARG B 8 32.56 11.21 -23.88
C ARG B 8 33.41 10.74 -25.05
N VAL B 9 34.00 11.71 -25.76
CA VAL B 9 34.81 11.45 -26.93
C VAL B 9 36.24 11.90 -26.65
N SER B 10 37.16 11.47 -27.51
CA SER B 10 38.58 11.75 -27.36
C SER B 10 39.11 12.46 -28.60
N LEU B 11 40.03 13.39 -28.39
CA LEU B 11 40.69 14.07 -29.49
C LEU B 11 41.80 13.25 -30.14
N GLU B 12 42.25 12.18 -29.47
CA GLU B 12 43.36 11.38 -29.98
C GLU B 12 42.92 10.18 -30.78
N HIS B 13 41.65 9.76 -30.65
CA HIS B 13 41.14 8.62 -31.40
C HIS B 13 39.62 8.74 -31.48
N PRO B 14 39.00 8.23 -32.53
CA PRO B 14 37.54 8.28 -32.60
C PRO B 14 36.91 7.31 -31.63
N THR B 15 35.71 7.67 -31.14
CA THR B 15 34.98 6.84 -30.19
C THR B 15 33.78 6.22 -30.88
N SER B 16 33.55 4.94 -30.63
CA SER B 16 32.40 4.23 -31.19
C SER B 16 31.40 3.94 -30.08
N ALA B 17 30.12 4.17 -30.37
CA ALA B 17 29.08 4.00 -29.36
C ALA B 17 27.79 3.53 -30.01
N VAL B 18 27.08 2.65 -29.29
CA VAL B 18 25.76 2.19 -29.70
C VAL B 18 24.72 2.90 -28.85
N CYS B 19 23.75 3.52 -29.51
CA CYS B 19 22.70 4.30 -28.86
C CYS B 19 21.34 3.75 -29.26
N VAL B 20 20.38 3.91 -28.36
CA VAL B 20 19.01 3.48 -28.58
C VAL B 20 18.23 4.64 -29.18
N ALA B 21 17.32 4.32 -30.10
CA ALA B 21 16.55 5.35 -30.79
C ALA B 21 15.70 6.15 -29.81
N GLY B 22 15.70 7.47 -29.98
CA GLY B 22 14.96 8.37 -29.13
C GLY B 22 15.69 8.81 -27.88
N VAL B 23 16.62 8.00 -27.38
CA VAL B 23 17.36 8.35 -26.17
C VAL B 23 18.36 9.45 -26.47
N GLU B 24 18.35 10.49 -25.65
CA GLU B 24 19.29 11.59 -25.80
C GLU B 24 20.66 11.18 -25.27
N THR B 25 21.72 11.62 -25.95
CA THR B 25 23.09 11.36 -25.54
C THR B 25 23.82 12.68 -25.38
N LEU B 26 24.32 12.95 -24.18
CA LEU B 26 25.12 14.14 -23.94
C LEU B 26 26.56 13.86 -24.35
N VAL B 27 27.15 14.76 -25.13
CA VAL B 27 28.49 14.56 -25.69
C VAL B 27 29.45 15.55 -25.04
N ASP B 28 30.56 15.02 -24.52
CA ASP B 28 31.64 15.83 -23.96
C ASP B 28 32.96 15.14 -24.28
N ILE B 29 34.06 15.70 -23.76
CA ILE B 29 35.39 15.18 -24.04
C ILE B 29 36.10 14.85 -22.73
N TYR B 30 37.13 14.01 -22.83
CA TYR B 30 38.03 13.75 -21.71
C TYR B 30 39.14 14.79 -21.72
N GLY B 31 39.01 15.83 -20.90
CA GLY B 31 40.18 16.66 -20.62
C GLY B 31 40.74 17.66 -21.60
N SER B 32 40.87 17.28 -22.88
CA SER B 32 41.84 17.92 -23.76
C SER B 32 41.65 19.42 -23.94
N VAL B 33 40.56 19.84 -24.59
CA VAL B 33 40.27 21.26 -24.79
C VAL B 33 41.51 21.97 -25.35
N PRO B 34 41.78 21.86 -26.66
CA PRO B 34 43.02 22.44 -27.22
C PRO B 34 43.30 23.86 -26.74
N GLU B 35 44.59 24.21 -26.73
CA GLU B 35 45.08 25.37 -26.01
C GLU B 35 44.31 26.65 -26.33
N GLY B 36 44.34 27.07 -27.59
CA GLY B 36 43.74 28.33 -27.95
C GLY B 36 42.32 28.20 -28.47
N THR B 37 41.56 27.26 -27.92
CA THR B 37 40.19 27.04 -28.40
C THR B 37 39.30 28.20 -27.99
N GLU B 38 38.76 28.90 -28.99
CA GLU B 38 37.80 29.97 -28.76
C GLU B 38 36.42 29.69 -29.32
N MET B 39 36.31 28.81 -30.32
CA MET B 39 35.04 28.49 -30.94
C MET B 39 34.98 26.99 -31.21
N PHE B 40 33.80 26.53 -31.62
CA PHE B 40 33.65 25.13 -31.98
C PHE B 40 32.47 24.98 -32.93
N GLU B 41 32.58 23.99 -33.80
CA GLU B 41 31.50 23.59 -34.69
C GLU B 41 31.19 22.12 -34.47
N VAL B 42 29.94 21.73 -34.73
CA VAL B 42 29.50 20.35 -34.59
C VAL B 42 28.64 20.00 -35.79
N TYR B 43 28.89 18.84 -36.38
CA TYR B 43 28.20 18.37 -37.57
C TYR B 43 27.78 16.92 -37.37
N GLY B 44 26.70 16.53 -38.03
CA GLY B 44 26.17 15.19 -37.87
C GLY B 44 25.74 14.60 -39.20
N THR B 45 25.91 13.29 -39.31
CA THR B 45 25.37 12.53 -40.43
C THR B 45 23.87 12.76 -40.55
N PRO B 46 23.34 12.80 -41.77
CA PRO B 46 21.89 12.88 -41.95
C PRO B 46 21.16 11.84 -41.11
N GLY B 47 20.07 12.29 -40.48
CA GLY B 47 19.36 11.47 -39.52
C GLY B 47 19.88 11.57 -38.09
N VAL B 48 20.91 12.38 -37.85
CA VAL B 48 21.45 12.59 -36.51
C VAL B 48 21.15 14.03 -36.10
N ASP B 49 20.39 14.19 -35.03
CA ASP B 49 19.97 15.49 -34.55
C ASP B 49 20.91 15.95 -33.42
N ILE B 50 21.45 17.15 -33.57
CA ILE B 50 22.39 17.73 -32.62
C ILE B 50 21.83 19.04 -32.12
N TYR B 51 21.74 19.18 -30.80
CA TYR B 51 21.18 20.35 -30.15
C TYR B 51 22.18 20.94 -29.17
N ILE B 52 22.20 22.26 -29.06
CA ILE B 52 22.97 22.97 -28.04
C ILE B 52 22.02 23.44 -26.95
N SER B 53 22.47 23.34 -25.69
CA SER B 53 21.63 23.77 -24.58
C SER B 53 22.49 24.23 -23.41
N PRO B 54 22.16 25.35 -22.79
CA PRO B 54 22.83 25.71 -21.53
C PRO B 54 22.49 24.72 -20.43
N ASN B 55 23.51 24.40 -19.63
CA ASN B 55 23.32 23.38 -18.59
C ASN B 55 22.46 23.86 -17.43
N MET B 56 21.96 25.09 -17.44
CA MET B 56 21.11 25.57 -16.35
C MET B 56 19.67 25.84 -16.77
N GLU B 57 19.44 26.20 -18.03
CA GLU B 57 18.09 26.39 -18.54
C GLU B 57 17.77 25.27 -19.54
N ARG B 58 16.56 24.74 -19.47
CA ARG B 58 16.17 23.70 -20.40
C ARG B 58 15.83 24.30 -21.76
N GLY B 59 15.42 23.45 -22.68
CA GLY B 59 15.20 23.80 -24.07
C GLY B 59 16.36 23.38 -24.96
N ARG B 60 16.05 23.25 -26.25
CA ARG B 60 17.04 22.83 -27.23
C ARG B 60 17.16 23.85 -28.35
N GLU B 61 18.24 23.71 -29.12
CA GLU B 61 18.50 24.61 -30.24
C GLU B 61 19.47 23.92 -31.18
N ARG B 62 19.16 23.92 -32.48
CA ARG B 62 20.00 23.26 -33.47
C ARG B 62 21.41 23.83 -33.44
N ALA B 63 22.41 22.95 -33.47
CA ALA B 63 23.79 23.34 -33.24
C ALA B 63 24.68 23.24 -34.47
N ASP B 64 24.22 22.60 -35.54
CA ASP B 64 25.05 22.36 -36.73
C ASP B 64 24.78 23.38 -37.83
N THR B 65 24.49 24.63 -37.47
CA THR B 65 24.27 25.67 -38.47
C THR B 65 25.10 26.92 -38.20
N ARG B 66 25.88 26.95 -37.13
CA ARG B 66 26.60 28.14 -36.72
C ARG B 66 27.95 27.74 -36.15
N ARG B 67 28.79 28.74 -35.92
CA ARG B 67 30.05 28.56 -35.19
C ARG B 67 29.88 29.20 -33.82
N TRP B 68 29.85 28.38 -32.78
CA TRP B 68 29.60 28.84 -31.42
C TRP B 68 30.91 29.16 -30.72
N ARG B 69 30.93 30.29 -30.00
CA ARG B 69 32.03 30.55 -29.10
C ARG B 69 32.09 29.46 -28.03
N PHE B 70 33.29 29.01 -27.71
CA PHE B 70 33.43 27.91 -26.76
C PHE B 70 32.91 28.32 -25.39
N ASP B 71 32.26 27.37 -24.71
CA ASP B 71 31.70 27.61 -23.39
C ASP B 71 31.52 26.27 -22.70
N ALA B 72 32.21 26.07 -21.59
CA ALA B 72 32.12 24.82 -20.86
C ALA B 72 30.77 24.62 -20.20
N THR B 73 29.95 25.67 -20.11
CA THR B 73 28.62 25.56 -19.52
C THR B 73 27.56 25.16 -20.54
N LEU B 74 27.94 24.95 -21.80
CA LEU B 74 27.02 24.43 -22.80
C LEU B 74 27.08 22.91 -22.84
N GLU B 75 26.04 22.32 -23.44
CA GLU B 75 25.98 20.88 -23.63
C GLU B 75 25.44 20.58 -25.01
N ILE B 76 26.00 19.56 -25.66
CA ILE B 76 25.54 19.10 -26.96
C ILE B 76 24.82 17.78 -26.76
N ILE B 77 23.61 17.70 -27.30
CA ILE B 77 22.75 16.53 -27.21
C ILE B 77 22.62 15.92 -28.59
N VAL B 78 22.75 14.60 -28.68
CA VAL B 78 22.66 13.88 -29.94
C VAL B 78 21.52 12.87 -29.82
N VAL B 79 20.62 12.89 -30.79
CA VAL B 79 19.45 12.00 -30.82
C VAL B 79 19.32 11.42 -32.22
N MET B 80 19.03 10.12 -32.29
CA MET B 80 18.78 9.43 -33.55
C MET B 80 17.44 8.71 -33.42
N ASN B 81 16.41 9.22 -34.08
CA ASN B 81 15.07 8.64 -33.97
C ASN B 81 14.88 7.38 -34.81
N SER B 82 15.78 7.11 -35.74
CA SER B 82 15.65 5.98 -36.64
C SER B 82 16.85 5.04 -36.51
N PRO B 83 16.64 3.74 -36.64
CA PRO B 83 17.74 2.79 -36.47
C PRO B 83 18.70 2.79 -37.66
N SER B 84 19.91 2.34 -37.39
CA SER B 84 20.95 2.26 -38.40
C SER B 84 20.78 1.02 -39.27
N ASN B 85 21.36 1.07 -40.46
CA ASN B 85 21.39 -0.06 -41.39
C ASN B 85 22.70 -0.83 -41.33
N ASP B 86 23.79 -0.16 -40.96
CA ASP B 86 25.10 -0.77 -40.78
C ASP B 86 25.67 -0.27 -39.47
N LEU B 87 26.74 -0.93 -39.00
CA LEU B 87 27.26 -0.68 -37.66
C LEU B 87 27.65 0.78 -37.45
N ASN B 88 28.34 1.37 -38.41
CA ASN B 88 28.82 2.74 -38.25
C ASN B 88 28.19 3.67 -39.28
N ASP B 89 26.86 3.53 -39.45
CA ASP B 89 26.11 4.39 -40.36
C ASP B 89 26.42 5.88 -40.15
N SER B 90 26.37 6.34 -38.90
CA SER B 90 26.40 7.76 -38.60
C SER B 90 27.62 8.14 -37.78
N HIS B 91 27.93 9.43 -37.78
CA HIS B 91 29.04 9.96 -37.00
C HIS B 91 28.78 11.43 -36.71
N VAL B 92 29.23 11.85 -35.53
CA VAL B 92 29.17 13.25 -35.10
C VAL B 92 30.60 13.77 -35.01
N GLN B 93 30.83 14.96 -35.57
CA GLN B 93 32.15 15.54 -35.68
C GLN B 93 32.16 16.90 -34.99
N ILE B 94 33.08 17.08 -34.05
CA ILE B 94 33.20 18.31 -33.28
C ILE B 94 34.59 18.89 -33.57
N SER B 95 34.64 20.04 -34.23
CA SER B 95 35.89 20.69 -34.55
C SER B 95 36.08 21.90 -33.64
N TYR B 96 37.30 22.05 -33.13
CA TYR B 96 37.64 23.16 -32.24
C TYR B 96 38.43 24.21 -33.00
N HIS B 97 37.95 25.44 -32.99
CA HIS B 97 38.46 26.52 -33.83
C HIS B 97 39.01 27.65 -32.98
N SER B 98 39.90 28.43 -33.59
CA SER B 98 40.49 29.60 -32.96
C SER B 98 40.52 30.74 -33.97
N SER B 99 40.65 31.96 -33.45
CA SER B 99 40.79 33.15 -34.28
C SER B 99 42.23 33.44 -34.66
N HIS B 100 43.18 32.59 -34.26
CA HIS B 100 44.58 32.78 -34.57
C HIS B 100 44.97 32.07 -35.88
N GLU B 101 44.65 30.78 -35.99
CA GLU B 101 44.91 30.02 -37.20
C GLU B 101 43.62 29.63 -37.89
N PRO B 102 43.59 29.62 -39.23
CA PRO B 102 42.34 29.35 -39.94
C PRO B 102 41.93 27.88 -39.96
N LEU B 103 42.78 26.98 -39.48
CA LEU B 103 42.42 25.57 -39.53
C LEU B 103 41.93 25.08 -38.17
N PRO B 104 41.07 24.07 -38.15
CA PRO B 104 40.60 23.53 -36.87
C PRO B 104 41.75 23.05 -36.00
N LEU B 105 41.69 23.40 -34.72
CA LEU B 105 42.73 23.00 -33.79
C LEU B 105 42.74 21.48 -33.59
N ALA B 106 41.56 20.88 -33.56
CA ALA B 106 41.43 19.44 -33.38
C ALA B 106 40.02 19.01 -33.76
N TYR B 107 39.87 17.70 -33.98
CA TYR B 107 38.59 17.08 -34.26
C TYR B 107 38.29 16.01 -33.22
N ALA B 108 37.01 15.81 -32.95
CA ALA B 108 36.51 14.75 -32.09
C ALA B 108 35.41 14.02 -32.84
N VAL B 109 35.62 12.74 -33.13
CA VAL B 109 34.71 11.96 -33.96
C VAL B 109 34.05 10.89 -33.11
N LEU B 110 32.73 10.79 -33.22
CA LEU B 110 31.95 9.77 -32.51
C LEU B 110 31.11 9.02 -33.52
N TYR B 111 31.45 7.77 -33.77
CA TYR B 111 30.66 6.89 -34.62
C TYR B 111 29.51 6.30 -33.81
N LEU B 112 28.33 6.25 -34.43
CA LEU B 112 27.11 5.89 -33.73
C LEU B 112 26.43 4.72 -34.43
N THR B 113 25.98 3.75 -33.65
CA THR B 113 25.13 2.67 -34.12
C THR B 113 23.80 2.78 -33.41
N CYS B 114 22.74 3.11 -34.14
CA CYS B 114 21.43 3.34 -33.54
C CYS B 114 20.62 2.05 -33.65
N VAL B 115 20.16 1.55 -32.52
CA VAL B 115 19.30 0.38 -32.44
C VAL B 115 17.97 0.80 -31.83
N ASP B 116 16.88 0.25 -32.36
CA ASP B 116 15.53 0.56 -31.90
C ASP B 116 15.02 -0.65 -31.12
N ILE B 117 15.08 -0.56 -29.80
CA ILE B 117 14.70 -1.65 -28.91
C ILE B 117 13.61 -1.13 -27.97
N SER B 118 12.43 -1.74 -28.05
CA SER B 118 11.31 -1.31 -27.22
C SER B 118 10.40 -2.49 -26.94
N LEU B 119 10.06 -2.67 -25.67
CA LEU B 119 9.08 -3.66 -25.24
C LEU B 119 7.78 -2.93 -24.94
N ASP B 120 6.70 -3.37 -25.57
CA ASP B 120 5.44 -2.65 -25.48
C ASP B 120 4.27 -3.61 -25.31
N CYS B 121 3.17 -3.08 -24.82
CA CYS B 121 1.90 -3.80 -24.72
C CYS B 121 0.77 -2.80 -24.94
N ASP B 122 -0.45 -3.22 -24.69
CA ASP B 122 -1.61 -2.33 -24.76
C ASP B 122 -1.69 -1.55 -23.45
N LEU B 123 -1.30 -0.27 -23.48
CA LEU B 123 -1.34 0.57 -22.29
C LEU B 123 -2.72 1.19 -22.19
N ASN B 124 -3.62 0.51 -21.48
CA ASN B 124 -4.99 0.99 -21.31
C ASN B 124 -5.44 0.85 -19.86
N LYS B 136 5.42 3.30 -19.22
CA LYS B 136 6.14 2.04 -19.33
C LYS B 136 6.55 1.50 -17.97
N ARG B 137 6.57 2.36 -16.95
CA ARG B 137 7.09 2.00 -15.64
C ARG B 137 6.07 2.11 -14.51
N GLN B 138 4.85 2.54 -14.79
CA GLN B 138 3.87 2.75 -13.73
C GLN B 138 2.49 2.33 -14.20
N TRP B 139 1.66 1.92 -13.24
CA TRP B 139 0.25 1.63 -13.45
C TRP B 139 -0.56 2.58 -12.56
N VAL B 140 -1.44 3.36 -13.17
CA VAL B 140 -2.16 4.42 -12.47
C VAL B 140 -3.66 4.15 -12.57
N TRP B 141 -4.36 4.44 -11.48
CA TRP B 141 -5.81 4.33 -11.43
C TRP B 141 -6.46 5.63 -11.87
N GLY B 142 -7.75 5.55 -12.20
CA GLY B 142 -8.53 6.73 -12.49
C GLY B 142 -8.95 6.85 -13.94
N PRO B 143 -9.75 7.86 -14.25
CA PRO B 143 -10.15 8.09 -15.64
C PRO B 143 -8.99 8.43 -16.55
N SER B 144 -7.86 8.86 -16.00
CA SER B 144 -6.65 9.12 -16.77
C SER B 144 -5.63 8.00 -16.59
N GLY B 145 -6.11 6.75 -16.48
CA GLY B 145 -5.23 5.64 -16.22
C GLY B 145 -4.69 4.99 -17.47
N TYR B 146 -3.65 4.19 -17.29
CA TYR B 146 -3.01 3.47 -18.37
C TYR B 146 -2.19 2.33 -17.79
N GLY B 147 -1.94 1.33 -18.61
CA GLY B 147 -1.12 0.19 -18.22
C GLY B 147 -1.72 -1.10 -18.74
N GLY B 148 -0.88 -2.13 -18.82
CA GLY B 148 -1.33 -3.43 -19.28
C GLY B 148 -2.05 -4.19 -18.19
N ILE B 149 -3.15 -4.83 -18.56
CA ILE B 149 -3.98 -5.62 -17.66
C ILE B 149 -3.90 -7.08 -18.09
N LEU B 150 -3.58 -7.95 -17.14
CA LEU B 150 -3.34 -9.36 -17.40
C LEU B 150 -4.40 -10.20 -16.71
N LEU B 151 -5.05 -11.09 -17.47
CA LEU B 151 -6.02 -12.01 -16.89
C LEU B 151 -5.31 -13.19 -16.25
N VAL B 152 -6.09 -14.00 -15.54
CA VAL B 152 -5.56 -15.16 -14.83
C VAL B 152 -5.79 -16.47 -15.58
N ASN B 153 -6.80 -16.53 -16.46
CA ASN B 153 -7.03 -17.67 -17.34
C ASN B 153 -7.19 -18.97 -16.54
N CYS B 154 -8.16 -18.94 -15.62
CA CYS B 154 -8.43 -20.06 -14.72
C CYS B 154 -9.62 -20.88 -15.18
N ASP B 155 -9.80 -21.02 -16.49
CA ASP B 155 -10.89 -21.77 -17.09
C ASP B 155 -10.32 -22.94 -17.88
N ARG B 156 -11.19 -23.61 -18.64
CA ARG B 156 -10.78 -24.69 -19.54
C ARG B 156 -11.34 -24.36 -20.92
N ASP B 157 -10.51 -23.72 -21.74
CA ASP B 157 -10.90 -23.37 -23.10
C ASP B 157 -10.73 -24.54 -24.05
N ASP B 158 -9.69 -25.33 -23.85
CA ASP B 158 -9.40 -26.44 -24.75
C ASP B 158 -10.44 -27.55 -24.55
N PRO B 159 -11.11 -28.00 -25.61
CA PRO B 159 -12.02 -29.15 -25.51
C PRO B 159 -11.28 -30.49 -25.44
N SER B 160 -10.28 -30.56 -24.57
CA SER B 160 -9.47 -31.76 -24.40
C SER B 160 -9.25 -32.15 -22.95
N CYS B 161 -9.38 -31.23 -22.00
CA CYS B 161 -9.18 -31.55 -20.59
C CYS B 161 -10.40 -31.18 -19.77
N GLN B 164 -7.22 -27.95 -15.88
CA GLN B 164 -7.33 -26.50 -15.94
C GLN B 164 -6.30 -25.91 -16.88
N ASP B 165 -6.71 -24.91 -17.67
CA ASP B 165 -5.82 -24.35 -18.68
C ASP B 165 -4.64 -23.61 -18.07
N ASN B 166 -4.79 -23.08 -16.86
CA ASN B 166 -3.72 -22.32 -16.22
C ASN B 166 -2.60 -23.20 -15.67
N CYS B 167 -2.66 -24.52 -15.88
CA CYS B 167 -1.67 -25.43 -15.32
C CYS B 167 -0.67 -25.94 -16.33
N ASP B 168 -1.04 -26.05 -17.60
CA ASP B 168 -0.13 -26.59 -18.59
C ASP B 168 0.99 -25.60 -18.89
N GLN B 169 2.12 -26.14 -19.38
CA GLN B 169 3.22 -25.32 -19.86
C GLN B 169 3.16 -25.08 -21.37
N HIS B 170 2.22 -25.73 -22.06
CA HIS B 170 1.96 -25.54 -23.48
C HIS B 170 0.61 -24.85 -23.64
N VAL B 171 0.20 -24.65 -24.89
CA VAL B 171 -1.09 -24.03 -25.20
C VAL B 171 -1.85 -25.00 -26.08
N HIS B 172 -2.56 -25.94 -25.45
CA HIS B 172 -3.29 -26.96 -26.21
C HIS B 172 -4.62 -26.41 -26.72
N CYS B 173 -4.60 -25.29 -27.43
CA CYS B 173 -5.86 -24.74 -27.94
C CYS B 173 -5.58 -23.69 -29.00
N LEU B 174 -6.58 -23.43 -29.82
CA LEU B 174 -6.50 -22.43 -30.87
C LEU B 174 -6.98 -21.06 -30.40
N GLN B 175 -7.95 -21.03 -29.46
CA GLN B 175 -8.51 -19.78 -28.96
C GLN B 175 -8.15 -19.51 -27.51
N ASP B 176 -7.27 -20.32 -26.92
CA ASP B 176 -6.81 -20.04 -25.55
C ASP B 176 -6.10 -18.70 -25.49
N LEU B 177 -5.32 -18.38 -26.53
CA LEU B 177 -4.56 -17.14 -26.58
C LEU B 177 -5.45 -15.91 -26.44
N GLU B 178 -6.75 -16.05 -26.68
CA GLU B 178 -7.66 -14.92 -26.56
C GLU B 178 -7.76 -14.43 -25.11
N ASP B 179 -7.41 -15.25 -24.13
CA ASP B 179 -7.40 -14.79 -22.74
C ASP B 179 -6.08 -14.16 -22.34
N MET B 180 -5.03 -14.30 -23.15
CA MET B 180 -3.71 -13.82 -22.79
C MET B 180 -3.51 -12.39 -23.29
N SER B 181 -2.43 -11.77 -22.81
CA SER B 181 -2.08 -10.41 -23.20
C SER B 181 -0.91 -10.44 -24.18
N VAL B 182 -0.92 -9.49 -25.11
CA VAL B 182 0.09 -9.44 -26.17
C VAL B 182 1.22 -8.53 -25.74
N MET B 183 2.44 -8.93 -26.07
CA MET B 183 3.64 -8.15 -25.78
C MET B 183 4.53 -8.17 -27.01
N VAL B 184 4.96 -6.99 -27.45
CA VAL B 184 5.71 -6.83 -28.69
C VAL B 184 7.11 -6.35 -28.34
N LEU B 185 8.12 -7.05 -28.84
CA LEU B 185 9.51 -6.67 -28.66
C LEU B 185 10.05 -6.23 -30.01
N ARG B 186 10.15 -4.91 -30.19
CA ARG B 186 10.71 -4.31 -31.39
C ARG B 186 12.22 -4.21 -31.24
N THR B 187 12.95 -4.80 -32.20
CA THR B 187 14.40 -4.94 -32.16
C THR B 187 15.01 -4.58 -33.51
N GLN B 188 14.66 -3.40 -34.02
CA GLN B 188 15.18 -2.97 -35.31
C GLN B 188 16.65 -2.55 -35.18
N GLY B 189 17.41 -2.80 -36.24
CA GLY B 189 18.80 -2.44 -36.28
C GLY B 189 19.60 -3.34 -37.21
N PRO B 190 20.90 -3.07 -37.35
CA PRO B 190 21.73 -3.92 -38.21
C PRO B 190 21.92 -5.30 -37.62
N ALA B 191 21.87 -6.31 -38.49
CA ALA B 191 21.97 -7.70 -38.03
C ALA B 191 23.34 -7.98 -37.43
N ALA B 192 24.40 -7.43 -38.02
CA ALA B 192 25.74 -7.67 -37.51
C ALA B 192 25.93 -7.18 -36.08
N LEU B 193 25.11 -6.23 -35.64
CA LEU B 193 25.19 -5.77 -34.25
C LEU B 193 24.85 -6.88 -33.26
N PHE B 194 23.94 -7.78 -33.63
CA PHE B 194 23.51 -8.84 -32.74
C PHE B 194 24.47 -10.03 -32.71
N ASP B 195 25.45 -10.07 -33.60
CA ASP B 195 26.56 -10.99 -33.43
C ASP B 195 27.47 -10.57 -32.28
N ASP B 196 27.45 -9.29 -31.93
CA ASP B 196 28.29 -8.75 -30.87
C ASP B 196 27.53 -8.42 -29.60
N HIS B 197 26.22 -8.18 -29.69
CA HIS B 197 25.38 -7.84 -28.55
C HIS B 197 24.34 -8.92 -28.32
N LYS B 198 23.68 -8.85 -27.16
CA LYS B 198 22.77 -9.89 -26.72
C LYS B 198 21.48 -9.27 -26.19
N LEU B 199 20.36 -9.90 -26.51
CA LEU B 199 19.04 -9.48 -26.04
C LEU B 199 18.55 -10.47 -25.00
N VAL B 200 18.05 -9.96 -23.87
CA VAL B 200 17.54 -10.82 -22.80
C VAL B 200 16.18 -10.29 -22.33
N LEU B 201 15.18 -11.17 -22.29
CA LEU B 201 13.88 -10.87 -21.72
C LEU B 201 13.79 -11.58 -20.38
N HIS B 202 13.60 -10.81 -19.31
CA HIS B 202 13.68 -11.36 -17.97
C HIS B 202 12.57 -10.79 -17.08
N THR B 203 12.49 -11.33 -15.88
CA THR B 203 11.52 -10.93 -14.88
C THR B 203 11.99 -11.43 -13.52
N SER B 204 11.48 -10.81 -12.46
CA SER B 204 11.82 -11.23 -11.11
C SER B 204 11.24 -12.61 -10.84
N SER B 205 11.99 -13.42 -10.08
CA SER B 205 11.53 -14.78 -9.76
C SER B 205 10.20 -14.75 -9.03
N TYR B 206 9.95 -13.71 -8.22
CA TYR B 206 8.65 -13.57 -7.58
C TYR B 206 7.55 -13.38 -8.62
N ASP B 207 7.74 -12.43 -9.55
CA ASP B 207 6.80 -12.28 -10.65
C ASP B 207 6.79 -13.51 -11.55
N ALA B 208 7.92 -14.23 -11.63
CA ALA B 208 7.97 -15.45 -12.43
C ALA B 208 7.07 -16.54 -11.85
N LYS B 209 6.95 -16.60 -10.52
CA LYS B 209 6.07 -17.55 -9.87
C LYS B 209 4.61 -17.10 -9.86
N ARG B 210 4.28 -16.03 -10.59
CA ARG B 210 2.92 -15.51 -10.65
C ARG B 210 2.36 -15.38 -12.06
N ALA B 211 3.17 -15.60 -13.10
CA ALA B 211 2.69 -15.50 -14.47
C ALA B 211 3.67 -16.25 -15.37
N GLN B 212 3.24 -16.47 -16.62
CA GLN B 212 4.07 -17.15 -17.60
C GLN B 212 3.97 -16.42 -18.94
N VAL B 213 4.98 -16.59 -19.77
CA VAL B 213 4.97 -16.01 -21.11
C VAL B 213 5.42 -17.05 -22.13
N PHE B 214 4.90 -16.90 -23.35
CA PHE B 214 5.22 -17.77 -24.47
C PHE B 214 5.71 -16.94 -25.64
N HIS B 215 6.78 -17.39 -26.28
CA HIS B 215 7.34 -16.74 -27.45
C HIS B 215 6.82 -17.44 -28.71
N ILE B 216 6.39 -16.67 -29.71
CA ILE B 216 5.80 -17.29 -30.89
C ILE B 216 6.90 -17.69 -31.88
N CYS B 217 6.76 -18.89 -32.44
CA CYS B 217 7.66 -19.39 -33.50
C CYS B 217 6.81 -20.08 -34.55
N GLY B 218 6.60 -19.43 -35.70
CA GLY B 218 5.75 -20.00 -36.72
C GLY B 218 4.35 -19.43 -36.62
N PRO B 219 4.24 -18.10 -36.79
CA PRO B 219 3.10 -17.34 -36.25
C PRO B 219 1.69 -17.90 -36.41
N GLU B 220 1.02 -18.07 -35.28
CA GLU B 220 -0.44 -18.12 -35.12
C GLU B 220 -1.14 -19.35 -35.69
N ASP B 221 -0.40 -20.34 -36.20
CA ASP B 221 -1.06 -21.48 -36.83
C ASP B 221 -1.02 -22.73 -35.95
N VAL B 222 0.16 -23.16 -35.54
CA VAL B 222 0.31 -24.40 -34.79
C VAL B 222 0.40 -24.07 -33.31
N CYS B 223 -0.16 -24.97 -32.48
CA CYS B 223 -0.13 -24.77 -31.04
C CYS B 223 1.28 -24.93 -30.48
N GLU B 224 2.13 -25.71 -31.15
CA GLU B 224 3.52 -25.86 -30.74
C GLU B 224 4.34 -24.61 -31.06
N ALA B 225 3.79 -23.68 -31.82
CA ALA B 225 4.50 -22.44 -32.11
C ALA B 225 4.82 -21.65 -30.85
N TYR B 226 3.91 -21.68 -29.88
CA TYR B 226 4.04 -20.91 -28.65
C TYR B 226 4.85 -21.74 -27.66
N ARG B 227 6.14 -21.44 -27.54
CA ARG B 227 7.04 -22.17 -26.66
C ARG B 227 7.24 -21.41 -25.36
N HIS B 228 7.21 -22.14 -24.25
CA HIS B 228 7.32 -21.54 -22.93
C HIS B 228 8.74 -21.04 -22.69
N VAL B 229 8.87 -19.76 -22.36
CA VAL B 229 10.18 -19.16 -22.19
C VAL B 229 10.38 -18.53 -20.81
N LEU B 230 9.32 -18.13 -20.11
CA LEU B 230 9.43 -17.63 -18.74
C LEU B 230 8.30 -18.19 -17.90
N GLY B 231 8.66 -18.84 -16.80
CA GLY B 231 7.73 -19.50 -15.90
C GLY B 231 8.27 -19.66 -14.49
N GLN B 232 8.05 -20.84 -13.89
CA GLN B 232 8.42 -21.04 -12.50
C GLN B 232 9.94 -21.06 -12.30
N ASP B 233 10.66 -21.77 -13.17
CA ASP B 233 12.11 -21.83 -13.06
C ASP B 233 12.81 -20.81 -13.94
N LYS B 234 12.15 -20.33 -14.99
CA LYS B 234 12.78 -19.48 -15.99
C LYS B 234 12.58 -18.01 -15.61
N VAL B 235 13.69 -17.31 -15.38
CA VAL B 235 13.68 -15.88 -15.08
C VAL B 235 14.48 -15.07 -16.09
N SER B 236 14.91 -15.71 -17.18
CA SER B 236 15.65 -15.02 -18.24
C SER B 236 15.58 -15.88 -19.50
N TYR B 237 15.47 -15.21 -20.65
CA TYR B 237 15.37 -15.90 -21.92
C TYR B 237 16.03 -15.05 -23.00
N GLU B 238 16.98 -15.63 -23.72
CA GLU B 238 17.68 -14.91 -24.79
C GLU B 238 16.82 -14.98 -26.06
N VAL B 239 16.25 -13.85 -26.44
CA VAL B 239 15.38 -13.77 -27.62
C VAL B 239 16.25 -13.90 -28.87
N PRO B 240 15.98 -14.87 -29.76
CA PRO B 240 16.82 -15.08 -30.93
C PRO B 240 16.47 -14.23 -32.15
N ARG B 241 15.45 -13.37 -32.05
CA ARG B 241 15.02 -12.52 -33.17
C ARG B 241 14.65 -13.36 -34.39
N LEU B 242 13.71 -14.28 -34.19
CA LEU B 242 13.30 -15.17 -35.27
C LEU B 242 12.56 -14.42 -36.37
N HIS B 243 11.62 -13.57 -36.00
CA HIS B 243 10.82 -12.84 -37.00
C HIS B 243 11.41 -11.47 -37.31
N GLY B 244 12.71 -11.42 -37.58
CA GLY B 244 13.31 -10.18 -38.05
C GLY B 244 13.49 -9.11 -37.00
N ASP B 245 12.69 -8.06 -37.10
CA ASP B 245 12.78 -6.86 -36.28
C ASP B 245 11.71 -6.78 -35.19
N GLU B 246 10.91 -7.81 -35.01
CA GLU B 246 9.84 -7.76 -34.01
C GLU B 246 9.44 -9.17 -33.60
N GLU B 247 9.30 -9.39 -32.30
CA GLU B 247 8.90 -10.68 -31.75
C GLU B 247 7.63 -10.54 -30.92
N ARG B 248 6.81 -11.59 -30.94
CA ARG B 248 5.54 -11.62 -30.23
C ARG B 248 5.60 -12.58 -29.05
N PHE B 249 5.01 -12.14 -27.94
CA PHE B 249 4.93 -12.91 -26.70
C PHE B 249 3.50 -12.83 -26.17
N PHE B 250 3.05 -13.94 -25.61
CA PHE B 250 1.71 -14.05 -25.03
C PHE B 250 1.85 -14.33 -23.54
N VAL B 251 1.30 -13.46 -22.71
CA VAL B 251 1.45 -13.51 -21.26
C VAL B 251 0.14 -13.98 -20.65
N GLU B 252 0.24 -14.87 -19.65
CA GLU B 252 -0.92 -15.33 -18.91
C GLU B 252 -0.61 -15.28 -17.42
N GLY B 253 -1.53 -14.69 -16.66
CA GLY B 253 -1.37 -14.62 -15.22
C GLY B 253 -1.67 -15.95 -14.55
N LEU B 254 -1.01 -16.19 -13.41
CA LEU B 254 -1.16 -17.43 -12.68
C LEU B 254 -1.78 -17.28 -11.31
N SER B 255 -1.93 -16.05 -10.80
CA SER B 255 -2.40 -15.84 -9.45
C SER B 255 -3.29 -14.61 -9.38
N PHE B 256 -4.37 -14.70 -8.61
CA PHE B 256 -5.17 -13.54 -8.26
C PHE B 256 -4.50 -12.76 -7.14
N PRO B 257 -4.79 -11.47 -7.03
CA PRO B 257 -4.19 -10.68 -5.94
C PRO B 257 -4.61 -11.21 -4.58
N ASP B 258 -3.66 -11.29 -3.65
CA ASP B 258 -3.91 -11.82 -2.32
C ASP B 258 -3.08 -11.02 -1.32
N ALA B 259 -3.00 -11.53 -0.09
CA ALA B 259 -2.33 -10.81 0.98
C ALA B 259 -0.82 -10.71 0.78
N GLY B 260 -0.25 -11.54 -0.09
CA GLY B 260 1.18 -11.52 -0.32
C GLY B 260 1.55 -11.10 -1.72
N PHE B 261 0.55 -10.72 -2.52
CA PHE B 261 0.75 -10.35 -3.92
C PHE B 261 0.05 -9.03 -4.17
N THR B 262 0.83 -7.96 -4.40
CA THR B 262 0.27 -6.65 -4.62
C THR B 262 -0.51 -6.57 -5.93
N GLY B 263 -0.21 -7.42 -6.90
CA GLY B 263 -0.93 -7.44 -8.16
C GLY B 263 -0.18 -6.88 -9.35
N LEU B 264 1.09 -6.55 -9.20
CA LEU B 264 1.88 -5.98 -10.29
C LEU B 264 2.94 -6.99 -10.72
N ILE B 265 3.03 -7.22 -12.03
CA ILE B 265 4.01 -8.12 -12.63
C ILE B 265 4.73 -7.37 -13.73
N SER B 266 6.06 -7.25 -13.60
CA SER B 266 6.86 -6.46 -14.52
C SER B 266 7.82 -7.35 -15.30
N PHE B 267 7.91 -7.11 -16.60
CA PHE B 267 8.85 -7.79 -17.47
C PHE B 267 9.83 -6.78 -18.03
N HIS B 268 11.11 -7.16 -18.11
CA HIS B 268 12.16 -6.27 -18.57
C HIS B 268 12.83 -6.85 -19.80
N VAL B 269 13.34 -5.98 -20.66
CA VAL B 269 14.19 -6.36 -21.78
C VAL B 269 15.50 -5.60 -21.67
N THR B 270 16.60 -6.29 -21.89
CA THR B 270 17.93 -5.76 -21.63
C THR B 270 18.84 -6.04 -22.83
N LEU B 271 19.55 -5.01 -23.26
CA LEU B 271 20.58 -5.12 -24.28
C LEU B 271 21.94 -5.18 -23.60
N LEU B 272 22.73 -6.20 -23.96
CA LEU B 272 24.01 -6.47 -23.34
C LEU B 272 25.11 -6.34 -24.37
N ASP B 273 26.17 -5.63 -24.01
CA ASP B 273 27.37 -5.49 -24.81
C ASP B 273 28.25 -6.65 -24.42
N ASP B 274 28.22 -7.70 -25.25
CA ASP B 274 29.03 -8.89 -25.08
C ASP B 274 30.33 -8.83 -25.90
N SER B 275 30.71 -7.63 -26.36
CA SER B 275 31.98 -7.49 -27.07
C SER B 275 33.15 -7.80 -26.17
N ASN B 276 33.00 -7.57 -24.86
CA ASN B 276 34.01 -7.96 -23.87
C ASN B 276 33.90 -9.47 -23.71
N GLU B 277 34.54 -10.18 -24.65
CA GLU B 277 34.38 -11.63 -24.73
C GLU B 277 34.85 -12.32 -23.45
N ASP B 278 35.98 -11.87 -22.90
CA ASP B 278 36.62 -12.57 -21.81
C ASP B 278 36.34 -11.99 -20.44
N PHE B 279 35.73 -10.80 -20.35
CA PHE B 279 35.47 -10.19 -19.04
C PHE B 279 34.08 -10.55 -18.53
N SER B 280 33.04 -10.07 -19.22
CA SER B 280 31.64 -10.33 -18.90
C SER B 280 30.77 -9.59 -19.91
N ALA B 281 29.47 -9.83 -19.82
CA ALA B 281 28.46 -9.08 -20.56
C ALA B 281 28.09 -7.81 -19.78
N SER B 282 27.97 -6.69 -20.47
CA SER B 282 27.69 -5.44 -19.76
C SER B 282 26.41 -4.79 -20.27
N PRO B 283 25.44 -4.46 -19.41
CA PRO B 283 24.18 -3.92 -19.91
C PRO B 283 24.31 -2.46 -20.32
N ILE B 284 23.62 -2.10 -21.41
CA ILE B 284 23.64 -0.73 -21.91
C ILE B 284 22.25 -0.12 -22.05
N PHE B 285 21.18 -0.91 -21.97
CA PHE B 285 19.83 -0.36 -22.08
C PHE B 285 18.84 -1.35 -21.51
N THR B 286 17.84 -0.83 -20.79
CA THR B 286 16.79 -1.66 -20.20
C THR B 286 15.45 -0.99 -20.39
N ASP B 287 14.46 -1.77 -20.85
CA ASP B 287 13.09 -1.30 -21.01
C ASP B 287 12.16 -2.26 -20.30
N THR B 288 11.06 -1.72 -19.77
CA THR B 288 10.19 -2.47 -18.87
C THR B 288 8.74 -2.33 -19.30
N VAL B 289 7.95 -3.37 -18.98
CA VAL B 289 6.51 -3.37 -19.16
C VAL B 289 5.90 -3.93 -17.88
N VAL B 290 4.98 -3.17 -17.27
CA VAL B 290 4.39 -3.52 -15.98
C VAL B 290 2.93 -3.89 -16.20
N PHE B 291 2.59 -5.12 -15.88
CA PHE B 291 1.21 -5.62 -15.93
C PHE B 291 0.57 -5.58 -14.55
N ARG B 292 -0.74 -5.37 -14.54
CA ARG B 292 -1.55 -5.49 -13.34
C ARG B 292 -2.54 -6.62 -13.51
N VAL B 293 -2.64 -7.49 -12.50
CA VAL B 293 -3.57 -8.61 -12.56
C VAL B 293 -4.98 -8.12 -12.29
N ALA B 294 -5.89 -8.41 -13.21
CA ALA B 294 -7.27 -7.96 -13.05
C ALA B 294 -7.94 -8.70 -11.91
N PRO B 295 -8.63 -8.00 -11.01
CA PRO B 295 -9.22 -8.63 -9.83
C PRO B 295 -10.53 -9.35 -10.17
N TRP B 296 -11.07 -10.01 -9.15
CA TRP B 296 -12.35 -10.71 -9.27
C TRP B 296 -13.47 -9.78 -8.83
N ILE B 297 -14.54 -9.70 -9.63
CA ILE B 297 -15.61 -8.74 -9.44
C ILE B 297 -16.91 -9.48 -9.14
N MET B 298 -17.64 -8.99 -8.15
CA MET B 298 -18.95 -9.53 -7.81
C MET B 298 -20.05 -8.73 -8.50
N THR B 299 -21.22 -9.36 -8.62
CA THR B 299 -22.38 -8.76 -9.28
C THR B 299 -23.56 -8.74 -8.33
N PRO B 300 -24.13 -7.58 -8.01
CA PRO B 300 -25.29 -7.53 -7.12
C PRO B 300 -26.57 -7.93 -7.87
N SER B 301 -27.65 -8.01 -7.10
CA SER B 301 -28.95 -8.39 -7.66
C SER B 301 -29.56 -7.30 -8.53
N THR B 302 -28.99 -6.09 -8.54
CA THR B 302 -29.52 -5.01 -9.35
C THR B 302 -29.15 -5.14 -10.82
N LEU B 303 -28.08 -5.88 -11.13
CA LEU B 303 -27.68 -6.06 -12.52
C LEU B 303 -28.52 -7.15 -13.19
N PRO B 304 -28.74 -7.04 -14.50
CA PRO B 304 -29.58 -8.02 -15.21
C PRO B 304 -28.99 -9.42 -15.13
N PRO B 305 -29.83 -10.43 -14.96
CA PRO B 305 -29.35 -11.82 -14.85
C PRO B 305 -29.20 -12.51 -16.19
N LEU B 306 -28.41 -13.60 -16.16
CA LEU B 306 -28.12 -14.43 -17.32
C LEU B 306 -28.62 -15.86 -17.13
N GLU B 307 -28.17 -16.52 -16.06
CA GLU B 307 -28.50 -17.92 -15.83
C GLU B 307 -28.88 -18.12 -14.37
N VAL B 308 -29.86 -18.99 -14.16
CA VAL B 308 -30.34 -19.41 -12.85
C VAL B 308 -29.92 -20.85 -12.65
N TYR B 309 -29.31 -21.15 -11.51
CA TYR B 309 -28.81 -22.47 -11.19
C TYR B 309 -29.59 -23.01 -9.99
N VAL B 310 -30.06 -24.26 -10.11
CA VAL B 310 -30.88 -24.84 -9.06
C VAL B 310 -30.36 -26.25 -8.76
N CYS B 311 -30.75 -26.76 -7.60
CA CYS B 311 -30.36 -28.09 -7.17
C CYS B 311 -31.56 -28.92 -6.74
N ARG B 314 -33.15 -35.16 -2.80
CA ARG B 314 -34.29 -35.71 -3.53
C ARG B 314 -35.60 -35.24 -2.90
N ASN B 315 -36.70 -35.91 -3.28
CA ASN B 315 -38.04 -35.56 -2.83
C ASN B 315 -38.38 -34.11 -3.16
N ASN B 316 -37.93 -33.66 -4.33
CA ASN B 316 -38.22 -32.32 -4.79
C ASN B 316 -39.70 -32.18 -5.13
N THR B 317 -40.10 -30.98 -5.52
CA THR B 317 -41.51 -30.63 -5.63
C THR B 317 -41.67 -29.66 -6.80
N CYS B 318 -42.77 -28.91 -6.79
CA CYS B 318 -42.99 -27.87 -7.80
C CYS B 318 -42.23 -26.60 -7.47
N PHE B 319 -40.96 -26.75 -7.12
CA PHE B 319 -40.04 -25.64 -6.90
C PHE B 319 -39.14 -25.40 -8.09
N VAL B 320 -38.66 -26.48 -8.72
CA VAL B 320 -37.99 -26.34 -10.01
C VAL B 320 -38.96 -25.78 -11.04
N ASP B 321 -40.24 -26.12 -10.92
CA ASP B 321 -41.25 -25.62 -11.84
C ASP B 321 -41.38 -24.11 -11.72
N ALA B 322 -41.50 -23.60 -10.49
CA ALA B 322 -41.63 -22.16 -10.30
C ALA B 322 -40.34 -21.43 -10.68
N VAL B 323 -39.19 -22.04 -10.39
CA VAL B 323 -37.92 -21.44 -10.81
C VAL B 323 -37.86 -21.33 -12.33
N ALA B 324 -38.29 -22.39 -13.03
CA ALA B 324 -38.29 -22.36 -14.49
C ALA B 324 -39.27 -21.32 -15.02
N GLU B 325 -40.45 -21.21 -14.40
CA GLU B 325 -41.42 -20.22 -14.84
C GLU B 325 -40.89 -18.80 -14.67
N LEU B 326 -40.25 -18.52 -13.53
CA LEU B 326 -39.70 -17.19 -13.31
C LEU B 326 -38.51 -16.91 -14.22
N ALA B 327 -37.70 -17.92 -14.52
CA ALA B 327 -36.59 -17.72 -15.45
C ALA B 327 -37.10 -17.47 -16.87
N ARG B 328 -38.18 -18.16 -17.26
CA ARG B 328 -38.78 -17.92 -18.57
C ARG B 328 -39.40 -16.53 -18.66
N LYS B 329 -40.02 -16.08 -17.56
CA LYS B 329 -40.59 -14.74 -17.55
C LYS B 329 -39.50 -13.66 -17.53
N ALA B 330 -38.35 -13.96 -16.94
CA ALA B 330 -37.25 -13.02 -16.92
C ALA B 330 -36.35 -13.14 -18.15
N GLY B 331 -36.24 -14.31 -18.75
CA GLY B 331 -35.40 -14.49 -19.91
C GLY B 331 -34.00 -14.92 -19.55
N CYS B 332 -33.87 -15.98 -18.76
CA CYS B 332 -32.59 -16.47 -18.27
C CYS B 332 -32.53 -17.98 -18.45
N LYS B 333 -31.34 -18.49 -18.76
CA LYS B 333 -31.21 -19.94 -18.87
C LYS B 333 -31.30 -20.58 -17.49
N LEU B 334 -31.66 -21.86 -17.46
CA LEU B 334 -31.81 -22.55 -16.18
C LEU B 334 -31.03 -23.86 -16.21
N THR B 335 -30.31 -24.13 -15.12
CA THR B 335 -29.50 -25.34 -14.97
C THR B 335 -30.01 -26.17 -13.81
N ILE B 336 -30.48 -27.39 -14.12
CA ILE B 336 -30.98 -28.33 -13.13
C ILE B 336 -29.89 -29.33 -12.81
N CYS B 337 -29.71 -29.62 -11.53
CA CYS B 337 -28.64 -30.51 -11.08
C CYS B 337 -29.20 -31.53 -10.10
N PRO B 338 -29.07 -32.83 -10.37
CA PRO B 338 -29.50 -33.84 -9.39
C PRO B 338 -28.39 -34.14 -8.40
N GLN B 339 -27.37 -33.28 -8.36
CA GLN B 339 -26.18 -33.50 -7.56
C GLN B 339 -26.44 -33.08 -6.12
N ALA B 340 -26.64 -34.07 -5.25
CA ALA B 340 -26.77 -33.84 -3.82
C ALA B 340 -25.78 -34.63 -2.99
N GLU B 341 -25.38 -35.82 -3.45
CA GLU B 341 -24.40 -36.63 -2.74
C GLU B 341 -23.38 -37.21 -3.72
N TRP B 347 -29.20 -26.32 -1.89
CA TRP B 347 -28.56 -25.05 -1.55
C TRP B 347 -27.35 -24.77 -2.44
N ILE B 348 -27.63 -24.44 -3.69
CA ILE B 348 -26.58 -24.19 -4.68
C ILE B 348 -25.94 -22.81 -4.51
N GLN B 349 -26.56 -21.93 -3.72
CA GLN B 349 -26.03 -20.59 -3.52
C GLN B 349 -25.02 -20.51 -2.38
N ASP B 350 -24.97 -21.52 -1.51
CA ASP B 350 -23.98 -21.55 -0.43
C ASP B 350 -22.62 -22.04 -0.89
N GLU B 351 -22.55 -22.79 -1.98
CA GLU B 351 -21.32 -23.44 -2.39
C GLU B 351 -20.44 -22.59 -3.29
N MET B 352 -21.03 -21.74 -4.13
CA MET B 352 -20.26 -20.99 -5.12
C MET B 352 -20.82 -19.58 -5.24
N GLU B 353 -19.95 -18.65 -5.62
CA GLU B 353 -20.33 -17.28 -5.93
C GLU B 353 -19.90 -16.97 -7.35
N LEU B 354 -20.82 -16.45 -8.15
CA LEU B 354 -20.59 -16.20 -9.57
C LEU B 354 -20.14 -14.75 -9.75
N GLY B 355 -18.87 -14.56 -10.11
CA GLY B 355 -18.35 -13.25 -10.42
C GLY B 355 -17.81 -13.16 -11.84
N TYR B 356 -16.88 -12.23 -12.07
CA TYR B 356 -16.29 -12.09 -13.39
C TYR B 356 -14.99 -11.31 -13.28
N VAL B 357 -14.10 -11.56 -14.23
CA VAL B 357 -12.87 -10.80 -14.40
C VAL B 357 -12.90 -10.16 -15.78
N GLN B 358 -12.61 -8.87 -15.84
CA GLN B 358 -12.84 -8.07 -17.04
C GLN B 358 -11.52 -7.54 -17.58
N ALA B 359 -11.32 -7.66 -18.89
CA ALA B 359 -10.16 -7.13 -19.60
C ALA B 359 -10.61 -6.54 -20.93
N PRO B 360 -9.85 -5.58 -21.47
CA PRO B 360 -10.21 -5.02 -22.78
C PRO B 360 -10.18 -6.03 -23.92
N HIS B 361 -9.44 -7.12 -23.80
CA HIS B 361 -9.45 -8.12 -24.86
C HIS B 361 -10.64 -9.07 -24.73
N LYS B 362 -10.99 -9.46 -23.50
CA LYS B 362 -12.17 -10.28 -23.26
C LYS B 362 -12.47 -10.26 -21.77
N THR B 363 -13.75 -10.17 -21.44
CA THR B 363 -14.24 -10.15 -20.06
C THR B 363 -15.01 -11.44 -19.82
N LEU B 364 -14.41 -12.35 -19.05
CA LEU B 364 -15.01 -13.66 -18.82
C LEU B 364 -15.44 -13.81 -17.36
N PRO B 365 -16.53 -14.52 -17.12
CA PRO B 365 -16.98 -14.75 -15.73
C PRO B 365 -16.10 -15.77 -15.04
N VAL B 366 -15.88 -15.58 -13.74
CA VAL B 366 -15.08 -16.47 -12.92
C VAL B 366 -15.87 -16.80 -11.66
N VAL B 367 -15.85 -18.08 -11.28
CA VAL B 367 -16.59 -18.56 -10.11
C VAL B 367 -15.62 -18.71 -8.95
N PHE B 368 -16.01 -18.21 -7.78
CA PHE B 368 -15.31 -18.43 -6.54
C PHE B 368 -15.97 -19.60 -5.82
N ASP B 369 -15.17 -20.58 -5.43
CA ASP B 369 -15.67 -21.78 -4.76
C ASP B 369 -15.47 -21.66 -3.26
N SER B 370 -16.54 -21.84 -2.50
CA SER B 370 -16.49 -21.65 -1.06
C SER B 370 -15.76 -22.79 -0.38
N PRO B 371 -15.09 -22.53 0.75
CA PRO B 371 -14.46 -23.61 1.51
C PRO B 371 -15.44 -24.64 2.04
N ARG B 372 -16.73 -24.33 2.06
CA ARG B 372 -17.74 -25.33 2.44
C ARG B 372 -17.77 -26.44 1.40
N ASN B 373 -17.77 -27.68 1.86
CA ASN B 373 -17.74 -28.84 0.97
C ASN B 373 -18.52 -29.97 1.60
N GLY B 374 -19.00 -30.87 0.75
CA GLY B 374 -19.73 -32.03 1.21
C GLY B 374 -20.95 -32.37 0.37
N GLU B 375 -21.59 -31.35 -0.22
CA GLU B 375 -22.77 -31.54 -1.05
C GLU B 375 -22.50 -31.21 -2.51
N LEU B 376 -22.02 -30.00 -2.79
CA LEU B 376 -21.71 -29.57 -4.15
C LEU B 376 -20.23 -29.24 -4.30
N GLN B 377 -19.37 -29.96 -3.55
CA GLN B 377 -17.95 -29.67 -3.57
C GLN B 377 -17.34 -29.81 -4.95
N ASP B 378 -17.82 -30.78 -5.74
CA ASP B 378 -17.29 -31.00 -7.08
C ASP B 378 -18.09 -30.29 -8.16
N PHE B 379 -19.24 -29.70 -7.82
CA PHE B 379 -20.10 -29.12 -8.85
C PHE B 379 -19.45 -27.96 -9.61
N PRO B 380 -18.82 -26.96 -8.96
CA PRO B 380 -18.16 -25.90 -9.74
C PRO B 380 -17.09 -26.42 -10.68
N TYR B 381 -16.11 -27.15 -10.14
CA TYR B 381 -14.99 -27.61 -10.95
C TYR B 381 -15.45 -28.49 -12.11
N LYS B 382 -16.54 -29.23 -11.95
CA LYS B 382 -16.99 -30.16 -12.97
C LYS B 382 -17.95 -29.52 -13.98
N ARG B 383 -19.05 -28.96 -13.50
CA ARG B 383 -20.15 -28.52 -14.38
C ARG B 383 -20.15 -27.03 -14.67
N ILE B 384 -19.29 -26.24 -14.03
CA ILE B 384 -19.28 -24.80 -14.25
C ILE B 384 -18.14 -24.35 -15.15
N LEU B 385 -17.07 -25.14 -15.27
CA LEU B 385 -15.92 -24.75 -16.08
C LEU B 385 -16.22 -24.95 -17.56
N GLY B 386 -16.92 -23.97 -18.12
CA GLY B 386 -17.11 -23.92 -19.56
C GLY B 386 -15.86 -23.40 -20.23
N PRO B 387 -15.95 -23.08 -21.52
CA PRO B 387 -14.78 -22.49 -22.20
C PRO B 387 -14.37 -21.17 -21.58
N ASP B 388 -15.27 -20.19 -21.60
CA ASP B 388 -15.01 -18.89 -20.98
C ASP B 388 -15.71 -18.82 -19.63
N PHE B 389 -15.20 -19.61 -18.68
CA PHE B 389 -15.79 -19.65 -17.34
C PHE B 389 -14.68 -20.10 -16.39
N GLY B 390 -14.06 -19.14 -15.70
CA GLY B 390 -12.91 -19.43 -14.86
C GLY B 390 -13.27 -19.95 -13.48
N TYR B 391 -12.25 -20.49 -12.80
CA TYR B 391 -12.41 -21.10 -11.48
C TYR B 391 -11.34 -20.58 -10.54
N VAL B 392 -11.76 -20.05 -9.39
CA VAL B 392 -10.85 -19.65 -8.33
C VAL B 392 -11.42 -20.16 -7.01
N THR B 393 -10.52 -20.62 -6.13
CA THR B 393 -10.94 -21.10 -4.82
C THR B 393 -9.80 -20.91 -3.84
N ARG B 394 -10.16 -20.81 -2.57
CA ARG B 394 -9.21 -20.63 -1.48
C ARG B 394 -9.57 -21.61 -0.37
N GLU B 395 -8.80 -22.69 -0.27
CA GLU B 395 -9.06 -23.70 0.76
C GLU B 395 -8.32 -23.33 2.04
N PRO B 396 -8.98 -23.40 3.19
CA PRO B 396 -8.32 -23.00 4.45
C PRO B 396 -7.28 -24.01 4.92
N ARG B 397 -6.79 -23.80 6.14
CA ARG B 397 -5.74 -24.59 6.82
C ARG B 397 -4.37 -23.96 6.56
N SER B 402 -11.50 -23.04 9.77
CA SER B 402 -12.82 -23.16 9.16
C SER B 402 -13.83 -22.26 9.85
N GLY B 403 -15.09 -22.34 9.43
CA GLY B 403 -16.12 -21.53 10.02
C GLY B 403 -17.49 -22.01 9.59
N LEU B 404 -18.52 -21.26 10.01
CA LEU B 404 -19.90 -21.54 9.64
C LEU B 404 -20.37 -20.71 8.46
N ASP B 405 -19.54 -19.80 7.96
CA ASP B 405 -19.97 -18.82 6.97
C ASP B 405 -19.49 -19.25 5.58
N SER B 406 -20.40 -19.27 4.63
CA SER B 406 -20.14 -19.70 3.26
C SER B 406 -20.81 -18.72 2.31
N PHE B 407 -20.65 -18.96 1.01
CA PHE B 407 -20.98 -17.93 0.02
C PHE B 407 -22.47 -17.62 -0.07
N GLY B 408 -23.32 -18.25 0.74
CA GLY B 408 -24.63 -17.68 0.99
C GLY B 408 -24.54 -16.43 1.83
N ASN B 409 -23.52 -16.34 2.67
CA ASN B 409 -23.17 -15.16 3.46
C ASN B 409 -22.32 -14.15 2.68
N LEU B 410 -22.24 -14.31 1.36
CA LEU B 410 -21.38 -13.49 0.52
C LEU B 410 -22.24 -12.79 -0.54
N GLU B 411 -22.39 -11.47 -0.39
CA GLU B 411 -23.17 -10.67 -1.32
C GLU B 411 -22.43 -9.37 -1.59
N VAL B 412 -23.04 -8.51 -2.40
CA VAL B 412 -22.43 -7.25 -2.79
C VAL B 412 -23.54 -6.23 -3.03
N SER B 413 -23.27 -4.97 -2.70
CA SER B 413 -24.22 -3.88 -2.82
C SER B 413 -24.14 -3.24 -4.19
N PRO B 414 -25.16 -2.47 -4.58
CA PRO B 414 -25.06 -1.66 -5.80
C PRO B 414 -24.06 -0.54 -5.63
N PRO B 415 -23.72 0.19 -6.70
CA PRO B 415 -22.82 1.33 -6.57
C PRO B 415 -23.34 2.34 -5.55
N VAL B 416 -22.43 2.82 -4.71
CA VAL B 416 -22.79 3.70 -3.60
C VAL B 416 -21.77 4.83 -3.49
N VAL B 417 -22.08 5.79 -2.62
CA VAL B 417 -21.17 6.87 -2.25
C VAL B 417 -21.22 7.00 -0.74
N ALA B 418 -20.08 6.82 -0.09
CA ALA B 418 -20.04 6.85 1.37
C ALA B 418 -18.63 7.16 1.83
N ASN B 419 -18.53 7.73 3.04
CA ASN B 419 -17.26 8.10 3.65
C ASN B 419 -16.47 9.07 2.77
N GLY B 420 -17.19 9.88 1.98
CA GLY B 420 -16.56 10.78 1.03
C GLY B 420 -16.07 10.13 -0.24
N LYS B 421 -16.03 8.80 -0.31
CA LYS B 421 -15.51 8.08 -1.46
C LYS B 421 -16.66 7.49 -2.27
N GLU B 422 -16.34 7.14 -3.52
CA GLU B 422 -17.29 6.54 -4.44
C GLU B 422 -16.96 5.07 -4.65
N TYR B 423 -18.00 4.25 -4.77
CA TYR B 423 -17.87 2.82 -5.06
C TYR B 423 -18.77 2.56 -6.26
N PRO B 424 -18.26 2.77 -7.48
CA PRO B 424 -19.10 2.68 -8.67
C PRO B 424 -19.46 1.25 -9.09
N LEU B 425 -18.94 0.24 -8.40
CA LEU B 425 -19.40 -1.14 -8.59
C LEU B 425 -19.82 -1.77 -7.27
N GLY B 426 -20.17 -0.96 -6.28
CA GLY B 426 -20.63 -1.46 -5.00
C GLY B 426 -19.50 -1.96 -4.11
N ARG B 427 -19.90 -2.38 -2.92
CA ARG B 427 -18.98 -2.93 -1.92
C ARG B 427 -19.43 -4.33 -1.52
N ILE B 428 -18.46 -5.16 -1.16
CA ILE B 428 -18.72 -6.53 -0.75
C ILE B 428 -19.29 -6.52 0.66
N LEU B 429 -20.31 -7.37 0.89
CA LEU B 429 -20.93 -7.49 2.20
C LEU B 429 -20.75 -8.93 2.69
N ILE B 430 -20.03 -9.08 3.80
CA ILE B 430 -19.83 -10.41 4.40
C ILE B 430 -20.37 -10.38 5.82
N GLY B 431 -20.32 -11.51 6.50
CA GLY B 431 -20.81 -11.59 7.86
C GLY B 431 -19.74 -11.79 8.91
N GLY B 432 -20.10 -11.55 10.17
CA GLY B 432 -19.19 -11.73 11.28
C GLY B 432 -19.84 -11.39 12.60
N ASN B 433 -19.05 -10.98 13.58
CA ASN B 433 -19.56 -10.58 14.88
C ASN B 433 -19.00 -9.21 15.25
N LEU B 434 -19.47 -8.70 16.38
CA LEU B 434 -18.91 -7.49 16.98
C LEU B 434 -17.61 -7.86 17.67
N PRO B 435 -16.81 -6.86 18.08
CA PRO B 435 -15.57 -7.19 18.82
C PRO B 435 -15.83 -8.03 20.06
N GLY B 436 -15.37 -9.27 20.04
CA GLY B 436 -15.58 -10.20 21.14
C GLY B 436 -15.69 -11.64 20.70
N GLY B 439 -16.78 -15.30 18.12
CA GLY B 439 -16.13 -15.65 16.88
C GLY B 439 -17.08 -15.65 15.70
N ARG B 440 -17.12 -16.78 14.98
CA ARG B 440 -18.01 -16.98 13.84
C ARG B 440 -17.76 -15.92 12.76
N ARG B 441 -16.56 -15.99 12.19
CA ARG B 441 -16.16 -15.11 11.10
C ARG B 441 -15.65 -15.98 9.96
N VAL B 442 -15.73 -15.43 8.75
CA VAL B 442 -15.18 -16.12 7.59
C VAL B 442 -13.68 -16.37 7.80
N THR B 443 -13.19 -17.49 7.25
CA THR B 443 -11.79 -17.84 7.40
C THR B 443 -10.90 -16.75 6.82
N GLN B 444 -9.71 -16.58 7.41
CA GLN B 444 -8.85 -15.46 7.07
C GLN B 444 -8.38 -15.51 5.62
N VAL B 445 -8.29 -16.70 5.02
CA VAL B 445 -7.85 -16.78 3.63
C VAL B 445 -8.86 -16.11 2.70
N VAL B 446 -10.16 -16.38 2.93
CA VAL B 446 -11.20 -15.76 2.12
C VAL B 446 -11.27 -14.27 2.39
N ARG B 447 -11.11 -13.87 3.65
CA ARG B 447 -11.10 -12.45 3.99
C ARG B 447 -9.97 -11.72 3.30
N ASP B 448 -8.77 -12.29 3.31
CA ASP B 448 -7.64 -11.64 2.64
C ASP B 448 -7.82 -11.60 1.13
N PHE B 449 -8.41 -12.65 0.56
CA PHE B 449 -8.67 -12.64 -0.88
C PHE B 449 -9.67 -11.55 -1.25
N LEU B 450 -10.73 -11.40 -0.46
CA LEU B 450 -11.71 -10.37 -0.75
C LEU B 450 -11.14 -8.97 -0.50
N HIS B 451 -10.33 -8.82 0.55
CA HIS B 451 -9.74 -7.53 0.87
C HIS B 451 -8.74 -7.09 -0.19
N ALA B 452 -8.07 -8.04 -0.85
CA ALA B 452 -6.98 -7.70 -1.75
C ALA B 452 -7.45 -7.35 -3.16
N GLN B 453 -8.74 -7.45 -3.47
CA GLN B 453 -9.21 -7.07 -4.79
C GLN B 453 -9.32 -5.56 -4.95
N LYS B 454 -9.47 -4.81 -3.87
CA LYS B 454 -9.30 -3.36 -3.83
C LYS B 454 -10.38 -2.60 -4.59
N VAL B 455 -11.26 -3.30 -5.29
CA VAL B 455 -12.24 -2.66 -6.15
C VAL B 455 -13.63 -2.57 -5.52
N GLN B 456 -13.94 -3.45 -4.57
CA GLN B 456 -15.22 -3.43 -3.85
C GLN B 456 -14.90 -3.64 -2.38
N PRO B 457 -14.48 -2.58 -1.69
CA PRO B 457 -14.00 -2.73 -0.30
C PRO B 457 -15.06 -3.36 0.58
N PRO B 458 -14.80 -4.56 1.09
CA PRO B 458 -15.84 -5.29 1.82
C PRO B 458 -16.17 -4.66 3.16
N VAL B 459 -17.39 -4.93 3.61
CA VAL B 459 -17.90 -4.46 4.90
C VAL B 459 -18.35 -5.67 5.70
N GLU B 460 -17.84 -5.79 6.92
CA GLU B 460 -18.20 -6.88 7.81
C GLU B 460 -19.43 -6.49 8.64
N LEU B 461 -20.37 -7.43 8.74
CA LEU B 461 -21.65 -7.20 9.41
C LEU B 461 -21.77 -8.11 10.63
N PHE B 462 -22.91 -8.01 11.30
CA PHE B 462 -23.22 -8.83 12.48
C PHE B 462 -24.25 -9.87 12.07
N VAL B 463 -23.78 -11.11 11.86
CA VAL B 463 -24.63 -12.24 11.51
C VAL B 463 -24.47 -13.39 12.48
N ASP B 464 -23.60 -13.27 13.49
CA ASP B 464 -23.34 -14.37 14.42
C ASP B 464 -24.60 -14.78 15.18
N TRP B 465 -25.54 -13.85 15.38
CA TRP B 465 -26.74 -14.14 16.14
C TRP B 465 -27.68 -15.11 15.44
N LEU B 466 -27.48 -15.37 14.15
CA LEU B 466 -28.30 -16.32 13.41
C LEU B 466 -27.78 -17.74 13.59
N ALA B 467 -28.69 -18.70 13.37
CA ALA B 467 -28.33 -20.11 13.56
C ALA B 467 -27.27 -20.54 12.55
N VAL B 468 -27.53 -20.33 11.26
CA VAL B 468 -26.56 -20.69 10.24
C VAL B 468 -25.61 -19.53 9.95
N GLY B 469 -26.12 -18.30 9.88
CA GLY B 469 -25.26 -17.14 9.77
C GLY B 469 -24.94 -16.68 8.37
N HIS B 470 -25.97 -16.43 7.56
CA HIS B 470 -25.81 -15.92 6.20
C HIS B 470 -26.38 -14.52 6.10
N VAL B 471 -25.69 -13.66 5.34
CA VAL B 471 -26.13 -12.28 5.18
C VAL B 471 -27.50 -12.23 4.50
N ASP B 472 -27.75 -13.12 3.54
CA ASP B 472 -29.01 -13.09 2.82
C ASP B 472 -30.21 -13.53 3.66
N GLU B 473 -30.03 -13.76 4.96
CA GLU B 473 -31.15 -14.07 5.84
C GLU B 473 -31.85 -12.82 6.36
N PHE B 474 -31.20 -11.66 6.30
CA PHE B 474 -31.84 -10.42 6.73
C PHE B 474 -31.57 -9.25 5.79
N LEU B 475 -30.80 -9.43 4.73
CA LEU B 475 -30.39 -8.34 3.86
C LEU B 475 -30.56 -8.76 2.40
N SER B 476 -31.15 -7.87 1.60
CA SER B 476 -31.24 -8.08 0.17
C SER B 476 -31.29 -6.73 -0.52
N PHE B 477 -31.14 -6.75 -1.85
CA PHE B 477 -31.23 -5.55 -2.67
C PHE B 477 -32.17 -5.80 -3.83
N VAL B 478 -32.82 -4.72 -4.30
CA VAL B 478 -33.80 -4.85 -5.38
C VAL B 478 -33.69 -3.63 -6.29
N PRO B 479 -33.96 -3.82 -7.58
CA PRO B 479 -33.95 -2.68 -8.50
C PRO B 479 -35.17 -1.80 -8.30
N ALA B 480 -34.93 -0.49 -8.13
CA ALA B 480 -35.98 0.49 -7.98
C ALA B 480 -35.86 1.55 -9.06
N PRO B 481 -36.96 1.90 -9.74
CA PRO B 481 -36.88 2.92 -10.80
C PRO B 481 -36.72 4.33 -10.26
N ASP B 482 -36.82 4.54 -8.95
CA ASP B 482 -36.70 5.85 -8.33
C ASP B 482 -35.62 5.79 -7.25
N GLY B 483 -35.49 6.88 -6.50
CA GLY B 483 -34.52 6.93 -5.41
C GLY B 483 -33.10 6.86 -5.94
N LYS B 484 -32.29 6.04 -5.26
CA LYS B 484 -30.90 5.81 -5.65
C LYS B 484 -30.77 4.69 -6.68
N GLY B 485 -31.84 4.37 -7.41
CA GLY B 485 -31.81 3.31 -8.39
C GLY B 485 -32.04 1.92 -7.83
N PHE B 486 -32.17 1.78 -6.51
CA PHE B 486 -32.36 0.49 -5.89
C PHE B 486 -32.98 0.69 -4.51
N ARG B 487 -33.35 -0.43 -3.89
CA ARG B 487 -33.91 -0.44 -2.54
C ARG B 487 -33.28 -1.57 -1.75
N MET B 488 -32.86 -1.28 -0.53
CA MET B 488 -32.31 -2.28 0.37
C MET B 488 -33.43 -2.86 1.24
N LEU B 489 -33.69 -4.15 1.09
CA LEU B 489 -34.72 -4.84 1.86
C LEU B 489 -34.10 -5.44 3.11
N LEU B 490 -34.60 -5.05 4.27
CA LEU B 490 -34.15 -5.59 5.55
C LEU B 490 -35.32 -6.26 6.25
N ALA B 491 -35.08 -7.45 6.79
CA ALA B 491 -36.09 -8.13 7.58
C ALA B 491 -36.27 -7.41 8.92
N SER B 492 -37.50 -7.09 9.27
CA SER B 492 -37.83 -6.35 10.49
C SER B 492 -38.94 -7.07 11.23
N PRO B 493 -38.66 -7.67 12.39
CA PRO B 493 -39.76 -8.20 13.22
C PRO B 493 -40.75 -7.13 13.63
N GLY B 494 -40.31 -5.87 13.76
CA GLY B 494 -41.23 -4.79 14.08
C GLY B 494 -42.24 -4.53 12.98
N ALA B 495 -41.85 -4.75 11.72
CA ALA B 495 -42.83 -4.65 10.64
C ALA B 495 -43.93 -5.69 10.79
N CYS B 496 -43.56 -6.91 11.18
CA CYS B 496 -44.56 -7.94 11.43
C CYS B 496 -45.41 -7.59 12.64
N PHE B 497 -44.79 -7.02 13.67
CA PHE B 497 -45.55 -6.52 14.81
C PHE B 497 -46.62 -5.53 14.35
N LYS B 498 -46.22 -4.53 13.56
CA LYS B 498 -47.15 -3.52 13.08
C LYS B 498 -48.27 -4.15 12.25
N LEU B 499 -47.91 -5.04 11.33
CA LEU B 499 -48.92 -5.66 10.47
C LEU B 499 -49.92 -6.47 11.28
N PHE B 500 -49.42 -7.31 12.19
CA PHE B 500 -50.30 -8.17 12.97
C PHE B 500 -51.17 -7.35 13.91
N GLN B 501 -50.61 -6.31 14.53
CA GLN B 501 -51.42 -5.46 15.40
C GLN B 501 -52.49 -4.72 14.62
N GLU B 502 -52.15 -4.22 13.42
CA GLU B 502 -53.12 -3.51 12.61
C GLU B 502 -54.26 -4.42 12.17
N LYS B 503 -53.92 -5.65 11.75
CA LYS B 503 -54.97 -6.57 11.35
C LYS B 503 -55.72 -7.17 12.54
N GLN B 504 -55.14 -7.10 13.74
CA GLN B 504 -55.83 -7.54 14.94
C GLN B 504 -56.83 -6.50 15.41
N LYS B 505 -56.49 -5.21 15.28
CA LYS B 505 -57.43 -4.16 15.63
C LYS B 505 -58.67 -4.18 14.74
N CYS B 506 -58.60 -4.83 13.58
CA CYS B 506 -59.75 -4.99 12.70
C CYS B 506 -60.60 -6.20 13.04
N GLY B 507 -60.16 -7.06 13.93
CA GLY B 507 -60.91 -8.23 14.33
C GLY B 507 -60.49 -9.54 13.68
N HIS B 508 -59.31 -9.60 13.08
CA HIS B 508 -58.83 -10.80 12.41
C HIS B 508 -57.73 -11.52 13.19
N GLY B 509 -57.67 -11.30 14.51
CA GLY B 509 -56.68 -11.99 15.32
C GLY B 509 -56.82 -13.49 15.32
N ARG B 510 -58.01 -14.00 15.00
CA ARG B 510 -58.25 -15.44 14.90
C ARG B 510 -57.86 -16.01 13.54
N ALA B 511 -57.17 -15.24 12.71
CA ALA B 511 -56.66 -15.76 11.44
C ALA B 511 -55.39 -16.57 11.69
N LEU B 512 -55.28 -17.70 11.00
CA LEU B 512 -54.27 -18.71 11.32
C LEU B 512 -53.11 -18.63 10.34
N LEU B 513 -51.90 -18.60 10.87
CA LEU B 513 -50.70 -18.78 10.06
C LEU B 513 -50.51 -20.26 9.77
N PHE B 514 -49.77 -20.55 8.70
CA PHE B 514 -49.46 -21.92 8.28
C PHE B 514 -50.73 -22.72 7.97
N GLN B 515 -51.78 -22.05 7.49
CA GLN B 515 -53.03 -22.74 7.23
C GLN B 515 -52.92 -23.68 6.05
N GLY B 516 -52.59 -23.14 4.87
CA GLY B 516 -52.51 -23.94 3.66
C GLY B 516 -51.15 -24.56 3.45
N VAL B 517 -50.70 -25.35 4.42
CA VAL B 517 -49.43 -26.05 4.33
C VAL B 517 -49.68 -27.54 4.49
N VAL B 518 -48.64 -28.33 4.25
CA VAL B 518 -48.70 -29.76 4.52
C VAL B 518 -48.45 -29.98 6.00
N ASP B 519 -49.34 -30.72 6.64
CA ASP B 519 -49.32 -30.85 8.09
C ASP B 519 -48.36 -31.94 8.53
N ASP B 520 -48.17 -32.02 9.86
CA ASP B 520 -47.23 -32.94 10.49
C ASP B 520 -47.36 -34.37 9.98
N VAL B 523 -45.64 -28.84 11.32
CA VAL B 523 -45.83 -27.50 11.87
C VAL B 523 -47.23 -27.39 12.48
N LYS B 524 -47.31 -26.72 13.63
CA LYS B 524 -48.55 -26.53 14.36
C LYS B 524 -49.16 -25.18 14.00
N THR B 525 -50.41 -25.20 13.51
CA THR B 525 -51.09 -23.98 13.13
C THR B 525 -51.20 -23.03 14.32
N ILE B 526 -51.11 -21.73 14.03
CA ILE B 526 -51.08 -20.71 15.07
C ILE B 526 -51.75 -19.45 14.56
N SER B 527 -52.45 -18.74 15.44
CA SER B 527 -53.21 -17.56 15.10
C SER B 527 -52.43 -16.29 15.45
N ILE B 528 -52.96 -15.15 15.02
CA ILE B 528 -52.31 -13.86 15.29
C ILE B 528 -52.35 -13.56 16.78
N ASN B 529 -53.47 -13.83 17.44
CA ASN B 529 -53.58 -13.57 18.87
C ASN B 529 -52.60 -14.41 19.68
N GLN B 530 -52.31 -15.63 19.21
CA GLN B 530 -51.33 -16.46 19.90
C GLN B 530 -49.92 -15.90 19.75
N VAL B 531 -49.60 -15.36 18.58
CA VAL B 531 -48.27 -14.82 18.34
C VAL B 531 -48.08 -13.53 19.13
N LEU B 532 -49.05 -12.61 19.05
CA LEU B 532 -48.90 -11.32 19.70
C LEU B 532 -48.87 -11.43 21.21
N SER B 533 -49.53 -12.43 21.77
CA SER B 533 -49.57 -12.64 23.22
C SER B 533 -48.51 -13.61 23.70
N ASN B 534 -47.65 -14.13 22.80
CA ASN B 534 -46.55 -14.99 23.20
C ASN B 534 -45.43 -14.12 23.75
N LYS B 535 -45.26 -14.14 25.09
CA LYS B 535 -44.34 -13.22 25.73
C LYS B 535 -42.90 -13.46 25.31
N ASP B 536 -42.47 -14.72 25.34
CA ASP B 536 -41.07 -15.04 25.03
C ASP B 536 -40.78 -14.79 23.55
N LEU B 537 -41.74 -15.14 22.68
CA LEU B 537 -41.55 -14.92 21.25
C LEU B 537 -41.40 -13.44 20.93
N ILE B 538 -42.24 -12.59 21.54
CA ILE B 538 -42.15 -11.16 21.28
C ILE B 538 -40.85 -10.59 21.82
N ASN B 539 -40.43 -11.01 23.01
CA ASN B 539 -39.18 -10.49 23.55
C ASN B 539 -37.98 -10.90 22.69
N TYR B 540 -37.97 -12.17 22.24
CA TYR B 540 -36.87 -12.63 21.41
C TYR B 540 -36.84 -11.92 20.06
N ASN B 541 -38.01 -11.75 19.43
CA ASN B 541 -38.06 -11.03 18.18
C ASN B 541 -37.65 -9.57 18.36
N LYS B 542 -37.88 -9.00 19.54
CA LYS B 542 -37.34 -7.66 19.82
C LYS B 542 -35.82 -7.69 19.84
N PHE B 543 -35.23 -8.73 20.44
CA PHE B 543 -33.77 -8.88 20.42
C PHE B 543 -33.24 -9.01 19.00
N VAL B 544 -33.90 -9.84 18.18
CA VAL B 544 -33.52 -9.99 16.77
C VAL B 544 -33.62 -8.65 16.04
N GLN B 545 -34.69 -7.90 16.31
CA GLN B 545 -34.86 -6.59 15.69
C GLN B 545 -33.74 -5.65 16.09
N SER B 546 -33.26 -5.73 17.34
CA SER B 546 -32.16 -4.88 17.76
C SER B 546 -30.87 -5.25 17.03
N CYS B 547 -30.62 -6.55 16.85
CA CYS B 547 -29.45 -6.97 16.06
C CYS B 547 -29.54 -6.42 14.63
N ILE B 548 -30.71 -6.57 14.02
CA ILE B 548 -30.90 -6.09 12.65
C ILE B 548 -30.84 -4.56 12.61
N ASP B 549 -31.16 -3.89 13.71
CA ASP B 549 -31.02 -2.43 13.77
C ASP B 549 -29.56 -2.02 13.79
N TRP B 550 -28.74 -2.74 14.55
CA TRP B 550 -27.29 -2.51 14.49
C TRP B 550 -26.78 -2.66 13.07
N ASN B 551 -27.16 -3.76 12.41
CA ASN B 551 -26.74 -3.98 11.02
C ASN B 551 -27.29 -2.89 10.10
N ARG B 552 -28.50 -2.40 10.39
CA ARG B 552 -29.10 -1.34 9.58
C ARG B 552 -28.30 -0.05 9.69
N GLU B 553 -27.89 0.32 10.90
CA GLU B 553 -27.09 1.53 11.05
C GLU B 553 -25.72 1.38 10.40
N VAL B 554 -25.09 0.21 10.55
CA VAL B 554 -23.80 -0.01 9.90
C VAL B 554 -23.95 0.06 8.38
N LEU B 555 -25.08 -0.44 7.86
CA LEU B 555 -25.31 -0.39 6.41
C LEU B 555 -25.53 1.04 5.94
N LYS B 556 -26.31 1.83 6.68
CA LYS B 556 -26.52 3.22 6.31
C LYS B 556 -25.23 4.01 6.38
N ARG B 557 -24.33 3.65 7.29
CA ARG B 557 -23.05 4.35 7.38
C ARG B 557 -22.12 3.97 6.24
N GLU B 558 -21.90 2.67 6.05
CA GLU B 558 -20.89 2.21 5.09
C GLU B 558 -21.36 2.27 3.64
N LEU B 559 -22.66 2.34 3.39
CA LEU B 559 -23.18 2.44 2.03
C LEU B 559 -23.79 3.80 1.73
N GLY B 560 -23.85 4.70 2.71
CA GLY B 560 -24.37 6.04 2.47
C GLY B 560 -25.83 6.06 2.07
N LEU B 561 -26.63 5.12 2.58
CA LEU B 561 -28.04 5.06 2.29
C LEU B 561 -28.86 5.75 3.37
N ALA B 562 -30.05 6.19 2.98
CA ALA B 562 -30.98 6.84 3.89
C ALA B 562 -32.19 5.93 4.13
N GLU B 563 -33.14 6.44 4.90
CA GLU B 563 -34.33 5.65 5.22
C GLU B 563 -35.25 5.49 4.01
N CYS B 564 -35.30 6.49 3.13
CA CYS B 564 -36.14 6.41 1.94
C CYS B 564 -35.70 5.33 0.97
N ASP B 565 -34.52 4.72 1.18
CA ASP B 565 -34.03 3.63 0.35
C ASP B 565 -34.14 2.27 1.03
N ILE B 566 -34.44 2.23 2.32
CA ILE B 566 -34.56 0.98 3.07
C ILE B 566 -36.03 0.61 3.18
N ILE B 567 -36.33 -0.67 2.98
CA ILE B 567 -37.68 -1.20 3.10
C ILE B 567 -37.67 -2.31 4.14
N ASP B 568 -38.50 -2.17 5.17
CA ASP B 568 -38.64 -3.18 6.22
C ASP B 568 -39.67 -4.21 5.80
N ILE B 569 -39.27 -5.47 5.81
CA ILE B 569 -40.12 -6.59 5.40
C ILE B 569 -40.50 -7.38 6.65
N PRO B 570 -41.78 -7.67 6.88
CA PRO B 570 -42.16 -8.40 8.10
C PRO B 570 -41.58 -9.80 8.12
N GLN B 571 -40.91 -10.14 9.22
CA GLN B 571 -40.29 -11.45 9.35
C GLN B 571 -40.08 -11.77 10.82
N LEU B 572 -40.62 -12.90 11.27
CA LEU B 572 -40.44 -13.39 12.63
C LEU B 572 -39.41 -14.52 12.67
N PHE B 573 -38.90 -14.79 13.87
CA PHE B 573 -37.81 -15.74 14.05
C PHE B 573 -38.10 -16.70 15.20
N LYS B 574 -37.57 -17.92 15.08
CA LYS B 574 -37.67 -18.95 16.11
C LYS B 574 -36.35 -19.09 16.87
N THR B 575 -36.35 -19.96 17.87
CA THR B 575 -35.15 -20.17 18.68
C THR B 575 -35.23 -21.50 19.44
N GLU B 576 -34.16 -22.29 19.37
CA GLU B 576 -33.95 -23.42 20.28
C GLU B 576 -32.80 -23.05 21.21
N ARG B 577 -33.10 -22.19 22.18
CA ARG B 577 -32.20 -21.72 23.24
C ARG B 577 -30.99 -20.94 22.76
N LYS B 578 -30.65 -20.99 21.47
CA LYS B 578 -29.49 -20.26 21.00
C LYS B 578 -29.63 -19.78 19.56
N LYS B 579 -30.54 -20.40 18.81
CA LYS B 579 -30.56 -20.24 17.36
C LYS B 579 -31.57 -19.22 16.90
N ALA B 580 -31.38 -18.72 15.69
CA ALA B 580 -32.34 -17.86 15.03
C ALA B 580 -32.73 -18.55 13.73
N THR B 581 -34.02 -18.82 13.56
CA THR B 581 -34.53 -19.38 12.32
C THR B 581 -35.88 -18.73 12.00
N ALA B 582 -36.25 -18.78 10.73
CA ALA B 582 -37.47 -18.13 10.28
C ALA B 582 -38.70 -18.85 10.84
N PHE B 583 -39.57 -18.10 11.51
CA PHE B 583 -40.84 -18.65 11.97
C PHE B 583 -41.69 -19.09 10.78
N PHE B 584 -42.06 -18.13 9.94
CA PHE B 584 -42.61 -18.38 8.62
C PHE B 584 -41.53 -18.12 7.58
N PRO B 585 -41.70 -18.63 6.36
CA PRO B 585 -40.62 -18.56 5.37
C PRO B 585 -40.03 -17.16 5.22
N ASP B 586 -38.70 -17.10 5.22
CA ASP B 586 -37.99 -15.82 5.19
C ASP B 586 -38.20 -15.13 3.85
N LEU B 587 -38.69 -13.90 3.89
CA LEU B 587 -39.08 -13.18 2.67
C LEU B 587 -37.90 -12.48 2.00
N VAL B 588 -37.03 -11.84 2.76
CA VAL B 588 -35.90 -11.13 2.16
C VAL B 588 -34.93 -12.09 1.48
N ASN B 589 -34.95 -13.37 1.85
CA ASN B 589 -34.10 -14.39 1.23
C ASN B 589 -34.70 -14.80 -0.12
N MET B 590 -34.82 -13.81 -1.00
CA MET B 590 -35.53 -13.95 -2.26
C MET B 590 -34.57 -13.88 -3.44
N LEU B 591 -35.00 -14.45 -4.56
CA LEU B 591 -34.25 -14.39 -5.80
C LEU B 591 -34.72 -13.16 -6.59
N VAL B 592 -33.78 -12.36 -7.07
CA VAL B 592 -34.10 -11.11 -7.75
C VAL B 592 -33.50 -11.16 -9.15
N LEU B 593 -34.37 -11.29 -10.17
CA LEU B 593 -33.97 -11.25 -11.56
C LEU B 593 -34.62 -10.01 -12.18
N GLY B 594 -33.93 -8.88 -12.06
CA GLY B 594 -34.40 -7.63 -12.65
C GLY B 594 -35.76 -7.21 -12.15
N LYS B 595 -36.77 -7.30 -13.03
CA LYS B 595 -38.12 -6.90 -12.70
C LYS B 595 -38.90 -7.98 -11.98
N HIS B 596 -38.46 -9.23 -12.03
CA HIS B 596 -39.18 -10.36 -11.45
C HIS B 596 -38.42 -10.91 -10.26
N LEU B 597 -39.11 -11.03 -9.12
CA LEU B 597 -38.49 -11.57 -7.91
C LEU B 597 -39.31 -12.74 -7.40
N GLY B 598 -38.61 -13.82 -7.05
CA GLY B 598 -39.22 -14.98 -6.43
C GLY B 598 -39.03 -14.95 -4.93
N ILE B 599 -40.15 -14.93 -4.21
CA ILE B 599 -40.15 -14.82 -2.75
C ILE B 599 -40.78 -16.08 -2.17
N PRO B 600 -40.26 -16.63 -1.08
CA PRO B 600 -40.88 -17.80 -0.47
C PRO B 600 -42.28 -17.47 0.05
N LYS B 601 -43.23 -18.35 -0.24
CA LYS B 601 -44.61 -18.18 0.20
C LYS B 601 -44.67 -18.22 1.72
N PRO B 602 -44.98 -17.10 2.37
CA PRO B 602 -44.89 -17.06 3.84
C PRO B 602 -45.99 -17.83 4.54
N PHE B 603 -47.11 -18.10 3.88
CA PHE B 603 -48.23 -18.82 4.48
C PHE B 603 -48.70 -18.15 5.77
N GLY B 604 -48.89 -16.83 5.71
CA GLY B 604 -49.31 -16.07 6.85
C GLY B 604 -50.80 -16.19 7.10
N PRO B 605 -51.33 -15.34 7.96
CA PRO B 605 -52.77 -15.42 8.29
C PRO B 605 -53.63 -14.98 7.11
N ILE B 606 -54.64 -15.77 6.81
CA ILE B 606 -55.51 -15.53 5.66
C ILE B 606 -56.72 -14.74 6.14
N ILE B 607 -56.93 -13.57 5.53
CA ILE B 607 -58.02 -12.66 5.91
C ILE B 607 -59.11 -12.62 4.85
N ASN B 608 -58.77 -12.20 3.63
CA ASN B 608 -59.73 -12.09 2.53
C ASN B 608 -59.55 -13.20 1.52
N GLY B 609 -59.08 -14.37 1.96
CA GLY B 609 -58.71 -15.44 1.05
C GLY B 609 -57.28 -15.38 0.57
N CYS B 610 -56.50 -14.42 1.05
CA CYS B 610 -55.12 -14.24 0.61
C CYS B 610 -54.25 -13.91 1.82
N CYS B 611 -53.03 -14.45 1.82
CA CYS B 611 -52.08 -14.18 2.88
C CYS B 611 -51.79 -12.70 3.01
N CYS B 612 -52.06 -12.14 4.20
CA CYS B 612 -51.87 -10.71 4.38
C CYS B 612 -50.38 -10.33 4.41
N LEU B 613 -49.52 -11.26 4.78
CA LEU B 613 -48.08 -11.03 4.62
C LEU B 613 -47.74 -10.84 3.15
N GLU B 614 -48.33 -11.64 2.27
CA GLU B 614 -48.11 -11.46 0.84
C GLU B 614 -48.66 -10.12 0.37
N GLU B 615 -49.79 -9.68 0.93
CA GLU B 615 -50.35 -8.39 0.53
C GLU B 615 -49.44 -7.24 0.99
N LYS B 616 -48.85 -7.37 2.17
CA LYS B 616 -47.89 -6.35 2.62
C LYS B 616 -46.64 -6.34 1.75
N VAL B 617 -46.15 -7.54 1.40
CA VAL B 617 -44.98 -7.62 0.52
C VAL B 617 -45.28 -6.99 -0.83
N ARG B 618 -46.47 -7.23 -1.37
CA ARG B 618 -46.87 -6.59 -2.62
C ARG B 618 -46.94 -5.07 -2.46
N SER B 619 -47.64 -4.61 -1.42
CA SER B 619 -47.76 -3.17 -1.18
C SER B 619 -46.42 -2.50 -0.96
N LEU B 620 -45.38 -3.27 -0.62
CA LEU B 620 -44.05 -2.69 -0.44
C LEU B 620 -43.18 -2.80 -1.69
N LEU B 621 -43.35 -3.83 -2.51
CA LEU B 621 -42.46 -4.08 -3.64
C LEU B 621 -43.05 -3.67 -4.98
N GLU B 622 -44.34 -3.95 -5.23
CA GLU B 622 -44.95 -3.58 -6.50
C GLU B 622 -44.98 -2.08 -6.77
N PRO B 623 -45.07 -1.18 -5.78
CA PRO B 623 -44.90 0.25 -6.09
C PRO B 623 -43.54 0.56 -6.71
N LEU B 624 -42.55 -0.32 -6.55
CA LEU B 624 -41.29 -0.20 -7.27
C LEU B 624 -41.33 -0.87 -8.63
N GLY B 625 -42.52 -1.18 -9.15
CA GLY B 625 -42.68 -1.79 -10.45
C GLY B 625 -42.39 -3.27 -10.51
N LEU B 626 -41.84 -3.86 -9.45
CA LEU B 626 -41.45 -5.26 -9.47
C LEU B 626 -42.69 -6.16 -9.46
N HIS B 627 -42.50 -7.39 -9.91
CA HIS B 627 -43.56 -8.40 -9.95
C HIS B 627 -43.28 -9.44 -8.87
N CYS B 628 -44.21 -9.58 -7.93
CA CYS B 628 -44.03 -10.44 -6.76
C CYS B 628 -44.64 -11.81 -7.04
N THR B 629 -43.79 -12.81 -7.20
CA THR B 629 -44.21 -14.20 -7.39
C THR B 629 -43.83 -14.98 -6.14
N PHE B 630 -44.83 -15.50 -5.43
CA PHE B 630 -44.62 -16.25 -4.20
C PHE B 630 -44.63 -17.73 -4.52
N ILE B 631 -43.54 -18.42 -4.16
CA ILE B 631 -43.36 -19.84 -4.48
C ILE B 631 -43.59 -20.66 -3.22
N ASP B 632 -44.38 -21.73 -3.35
CA ASP B 632 -44.63 -22.62 -2.23
C ASP B 632 -43.41 -23.49 -1.94
N ASP B 633 -42.52 -23.01 -1.06
CA ASP B 633 -41.33 -23.75 -0.65
C ASP B 633 -41.32 -23.84 0.87
N PHE B 634 -42.10 -24.77 1.40
CA PHE B 634 -42.16 -25.01 2.84
C PHE B 634 -41.60 -26.36 3.25
N THR B 635 -41.83 -27.40 2.45
CA THR B 635 -41.36 -28.75 2.77
C THR B 635 -39.86 -28.95 2.53
N PRO B 636 -39.31 -28.57 1.35
CA PRO B 636 -37.91 -28.93 1.08
C PRO B 636 -36.88 -28.01 1.73
N TYR B 637 -37.18 -26.72 1.88
CA TYR B 637 -36.15 -25.76 2.26
C TYR B 637 -36.45 -25.05 3.58
N HIS B 638 -37.68 -24.56 3.77
CA HIS B 638 -37.96 -23.77 4.96
C HIS B 638 -37.81 -24.61 6.23
N MET B 639 -38.10 -25.91 6.15
CA MET B 639 -37.91 -26.80 7.28
C MET B 639 -36.44 -27.09 7.53
N LEU B 640 -35.58 -26.89 6.52
CA LEU B 640 -34.15 -27.12 6.65
C LEU B 640 -33.36 -25.81 6.73
N HIS B 641 -34.00 -24.73 7.19
CA HIS B 641 -33.32 -23.45 7.47
C HIS B 641 -32.73 -22.84 6.20
N GLY B 642 -33.54 -22.77 5.15
CA GLY B 642 -33.11 -22.17 3.90
C GLY B 642 -34.29 -21.74 3.07
N GLU B 643 -34.03 -20.78 2.18
CA GLU B 643 -35.09 -20.26 1.30
C GLU B 643 -34.64 -20.33 -0.16
N VAL B 644 -35.41 -19.68 -1.05
CA VAL B 644 -35.17 -19.79 -2.48
C VAL B 644 -33.79 -19.21 -2.84
N HIS B 645 -33.48 -18.01 -2.33
CA HIS B 645 -32.18 -17.41 -2.62
C HIS B 645 -31.04 -18.21 -2.01
N ALA B 646 -31.30 -18.99 -0.96
CA ALA B 646 -30.30 -19.88 -0.39
C ALA B 646 -30.24 -21.23 -1.10
N GLY B 647 -31.05 -21.43 -2.14
CA GLY B 647 -31.02 -22.66 -2.89
C GLY B 647 -30.98 -22.44 -4.40
N THR B 648 -30.88 -21.17 -4.81
CA THR B 648 -30.80 -20.80 -6.22
C THR B 648 -29.71 -19.77 -6.39
N ASN B 649 -28.80 -20.02 -7.34
CA ASN B 649 -27.72 -19.11 -7.66
C ASN B 649 -28.01 -18.43 -8.99
N VAL B 650 -27.31 -17.33 -9.24
CA VAL B 650 -27.55 -16.52 -10.44
C VAL B 650 -26.23 -15.92 -10.91
N CYS B 651 -26.07 -15.87 -12.24
CA CYS B 651 -25.00 -15.12 -12.87
C CYS B 651 -25.60 -13.84 -13.43
N ARG B 652 -24.82 -12.76 -13.40
CA ARG B 652 -25.35 -11.45 -13.77
C ARG B 652 -24.54 -10.84 -14.91
N LYS B 653 -25.12 -9.80 -15.51
CA LYS B 653 -24.40 -9.00 -16.48
C LYS B 653 -23.31 -8.21 -15.78
N PRO B 654 -22.08 -8.19 -16.29
CA PRO B 654 -21.02 -7.42 -15.63
C PRO B 654 -21.31 -5.92 -15.63
N PHE B 655 -20.59 -5.22 -14.77
CA PHE B 655 -20.76 -3.78 -14.65
C PHE B 655 -20.30 -3.07 -15.92
N SER B 656 -20.98 -1.96 -16.24
CA SER B 656 -20.54 -1.11 -17.34
C SER B 656 -19.29 -0.33 -16.97
N PHE B 657 -19.17 0.08 -15.71
CA PHE B 657 -18.00 0.81 -15.24
C PHE B 657 -16.79 -0.11 -15.22
N LYS B 658 -15.74 0.27 -15.94
CA LYS B 658 -14.51 -0.51 -15.95
C LYS B 658 -13.69 -0.23 -14.70
N TRP B 659 -13.13 -1.29 -14.12
CA TRP B 659 -12.55 -1.20 -12.79
C TRP B 659 -11.27 -0.36 -12.75
N TRP B 660 -10.60 -0.17 -13.88
CA TRP B 660 -9.35 0.59 -13.87
C TRP B 660 -9.56 2.05 -13.47
N ASN B 661 -10.79 2.56 -13.54
CA ASN B 661 -11.10 3.92 -13.15
C ASN B 661 -11.62 4.02 -11.72
N MET B 662 -11.45 2.98 -10.91
CA MET B 662 -12.06 2.97 -9.58
C MET B 662 -11.35 3.90 -8.61
N VAL B 663 -10.06 4.17 -8.85
CA VAL B 663 -9.19 4.95 -7.96
C VAL B 663 -9.39 4.54 -6.51
N PRO B 664 -8.94 3.35 -6.09
CA PRO B 664 -9.10 2.92 -4.70
C PRO B 664 -8.43 3.86 -3.70
CA CA C . 15.42 7.37 27.57
CA CA D . 27.69 6.14 6.00
CA CA E . 27.02 -5.66 13.20
CA CA F . 14.81 3.17 27.50
CA CA G . 12.23 -1.35 29.88
C1 GOL H . -38.37 5.84 11.18
O1 GOL H . -38.14 5.84 9.81
C2 GOL H . -37.25 5.00 11.83
O2 GOL H . -37.28 5.08 13.21
C3 GOL H . -37.53 3.55 11.33
O3 GOL H . -36.53 2.75 11.89
CL CL I . 35.01 16.77 -16.98
CL CL J . 45.32 18.91 -26.63
CA CA K . -10.92 -18.11 -23.44
CA CA L . -23.87 -15.27 -2.56
CA CA M . -15.38 -25.77 -2.68
CA CA N . -7.64 -21.22 -21.18
CA CA O . -2.85 -23.39 -21.70
C1 GOL P . 30.10 18.18 -18.16
O1 GOL P . 29.21 17.28 -18.72
C2 GOL P . 29.74 19.58 -18.72
O2 GOL P . 29.70 19.59 -20.11
C3 GOL P . 28.36 19.91 -18.10
O3 GOL P . 28.01 21.17 -18.58
CL CL Q . -51.71 -0.46 20.21
CL CL R . -45.89 3.62 13.91
#